data_1B0S
# 
_entry.id   1B0S 
# 
_audit_conform.dict_name       mmcif_pdbx.dic 
_audit_conform.dict_version    5.383 
_audit_conform.dict_location   http://mmcif.pdb.org/dictionaries/ascii/mmcif_pdbx.dic 
# 
loop_
_database_2.database_id 
_database_2.database_code 
_database_2.pdbx_database_accession 
_database_2.pdbx_DOI 
PDB   1B0S         pdb_00001b0s 10.2210/pdb1b0s/pdb 
RCSB  RCSB001228   ?            ?                   
WWPDB D_1000001228 ?            ?                   
# 
loop_
_pdbx_audit_revision_history.ordinal 
_pdbx_audit_revision_history.data_content_type 
_pdbx_audit_revision_history.major_revision 
_pdbx_audit_revision_history.minor_revision 
_pdbx_audit_revision_history.revision_date 
1 'Structure model' 1 0 1999-08-31 
2 'Structure model' 1 1 2008-04-26 
3 'Structure model' 1 2 2011-07-13 
4 'Structure model' 1 3 2022-02-16 
5 'Structure model' 1 4 2023-12-27 
# 
_pdbx_audit_revision_details.ordinal             1 
_pdbx_audit_revision_details.revision_ordinal    1 
_pdbx_audit_revision_details.data_content_type   'Structure model' 
_pdbx_audit_revision_details.provider            repository 
_pdbx_audit_revision_details.type                'Initial release' 
_pdbx_audit_revision_details.description         ? 
_pdbx_audit_revision_details.details             ? 
# 
loop_
_pdbx_audit_revision_group.ordinal 
_pdbx_audit_revision_group.revision_ordinal 
_pdbx_audit_revision_group.data_content_type 
_pdbx_audit_revision_group.group 
1 2 'Structure model' 'Version format compliance' 
2 3 'Structure model' 'Version format compliance' 
3 4 'Structure model' 'Database references'       
4 4 'Structure model' 'Derived calculations'      
5 4 'Structure model' 'Structure summary'         
6 5 'Structure model' 'Data collection'           
# 
loop_
_pdbx_audit_revision_category.ordinal 
_pdbx_audit_revision_category.revision_ordinal 
_pdbx_audit_revision_category.data_content_type 
_pdbx_audit_revision_category.category 
1 4 'Structure model' chem_comp             
2 4 'Structure model' database_2            
3 4 'Structure model' entity                
4 4 'Structure model' pdbx_entity_nonpoly   
5 4 'Structure model' pdbx_struct_assembly  
6 4 'Structure model' pdbx_struct_oper_list 
7 4 'Structure model' struct_site           
8 5 'Structure model' chem_comp_atom        
9 5 'Structure model' chem_comp_bond        
# 
loop_
_pdbx_audit_revision_item.ordinal 
_pdbx_audit_revision_item.revision_ordinal 
_pdbx_audit_revision_item.data_content_type 
_pdbx_audit_revision_item.item 
1 4 'Structure model' '_chem_comp.name'                     
2 4 'Structure model' '_database_2.pdbx_DOI'                
3 4 'Structure model' '_database_2.pdbx_database_accession' 
4 4 'Structure model' '_entity.pdbx_description'            
5 4 'Structure model' '_pdbx_entity_nonpoly.name'           
6 4 'Structure model' '_struct_site.pdbx_auth_asym_id'      
7 4 'Structure model' '_struct_site.pdbx_auth_comp_id'      
8 4 'Structure model' '_struct_site.pdbx_auth_seq_id'       
# 
_pdbx_database_status.status_code                     REL 
_pdbx_database_status.entry_id                        1B0S 
_pdbx_database_status.recvd_initial_deposition_date   1998-11-12 
_pdbx_database_status.deposit_site                    RCSB 
_pdbx_database_status.process_site                    RCSB 
_pdbx_database_status.status_code_sf                  ? 
_pdbx_database_status.status_code_mr                  REL 
_pdbx_database_status.SG_entry                        ? 
_pdbx_database_status.pdb_format_compatible           Y 
_pdbx_database_status.status_code_cs                  ? 
_pdbx_database_status.status_code_nmr_data            ? 
_pdbx_database_status.methods_development_category    ? 
# 
loop_
_audit_author.name 
_audit_author.pdbx_ordinal 
'Yang, X.-L.'   1 
'Kaenzig, C.'   2 
'Lee, M.'       3 
'Wang, A.H.-J.' 4 
# 
_citation.id                        primary 
_citation.title                     
'Binding of AR-1-144, a tri-imidazole DNA minor groove binder, to CCGG sequence analyzed by NMR spectroscopy.' 
_citation.journal_abbrev            Eur.J.Biochem. 
_citation.journal_volume            263 
_citation.page_first                646 
_citation.page_last                 655 
_citation.year                      1999 
_citation.journal_id_ASTM           EJBCAI 
_citation.country                   IX 
_citation.journal_id_ISSN           0014-2956 
_citation.journal_id_CSD            0262 
_citation.book_publisher            ? 
_citation.pdbx_database_id_PubMed   10469127 
_citation.pdbx_database_id_DOI      10.1046/j.1432-1327.1999.00515.x 
# 
loop_
_citation_author.citation_id 
_citation_author.name 
_citation_author.ordinal 
_citation_author.identifier_ORCID 
primary 'Yang, X.L.'  1 ? 
primary 'Kaenzig, C.' 2 ? 
primary 'Lee, M.'     3 ? 
primary 'Wang, A.H.'  4 ? 
# 
loop_
_entity.id 
_entity.type 
_entity.src_method 
_entity.pdbx_description 
_entity.formula_weight 
_entity.pdbx_number_of_molecules 
_entity.pdbx_ec 
_entity.pdbx_mutation 
_entity.pdbx_fragment 
_entity.details 
1 polymer     syn 
;DNA (5'-D(*GP*AP*AP*CP*CP*GP*GP*TP*TP*C)-3')
;
3045.005 2 ? ? ? ? 
2 non-polymer syn 
;(2-{[4-({4-[(4-FORMYLAMINO-1-METHYL-1H-IMIDAZOLE-2-CARBONYL)-AMINO]-1-METHYL-1H-IMIDAZOLE-2-CARBONYL}-AMINO)-1-METHYL-1 H-IMIDAZOLE-2-CARBONYL]-AMINO}-ETHYL)-DIMETHYL-AMMONIUM
;
486.508  2 ? ? ? ? 
# 
_entity_poly.entity_id                      1 
_entity_poly.type                           polydeoxyribonucleotide 
_entity_poly.nstd_linkage                   no 
_entity_poly.nstd_monomer                   no 
_entity_poly.pdbx_seq_one_letter_code       '(DG)(DA)(DA)(DC)(DC)(DG)(DG)(DT)(DT)(DC)' 
_entity_poly.pdbx_seq_one_letter_code_can   GAACCGGTTC 
_entity_poly.pdbx_strand_id                 A,B 
_entity_poly.pdbx_target_identifier         ? 
# 
_pdbx_entity_nonpoly.entity_id   2 
_pdbx_entity_nonpoly.name        
;(2-{[4-({4-[(4-FORMYLAMINO-1-METHYL-1H-IMIDAZOLE-2-CARBONYL)-AMINO]-1-METHYL-1H-IMIDAZOLE-2-CARBONYL}-AMINO)-1-METHYL-1 H-IMIDAZOLE-2-CARBONYL]-AMINO}-ETHYL)-DIMETHYL-AMMONIUM
;
_pdbx_entity_nonpoly.comp_id     AR1 
# 
loop_
_entity_poly_seq.entity_id 
_entity_poly_seq.num 
_entity_poly_seq.mon_id 
_entity_poly_seq.hetero 
1 1  DG n 
1 2  DA n 
1 3  DA n 
1 4  DC n 
1 5  DC n 
1 6  DG n 
1 7  DG n 
1 8  DT n 
1 9  DT n 
1 10 DC n 
# 
loop_
_chem_comp.id 
_chem_comp.type 
_chem_comp.mon_nstd_flag 
_chem_comp.name 
_chem_comp.pdbx_synonyms 
_chem_comp.formula 
_chem_comp.formula_weight 
AR1 non-polymer   . 
;(2-{[4-({4-[(4-FORMYLAMINO-1-METHYL-1H-IMIDAZOLE-2-CARBONYL)-AMINO]-1-METHYL-1H-IMIDAZOLE-2-CARBONYL}-AMINO)-1-METHYL-1 H-IMIDAZOLE-2-CARBONYL]-AMINO}-ETHYL)-DIMETHYL-AMMONIUM
;
'TRI-IMIDAZOLE DNA MINOR GROOVE BINDER; AR-1-144' 'C20 H28 N11 O4 1' 486.508 
DA  'DNA linking' y "2'-DEOXYADENOSINE-5'-MONOPHOSPHATE" ?                                                 'C10 H14 N5 O6 P'  
331.222 
DC  'DNA linking' y "2'-DEOXYCYTIDINE-5'-MONOPHOSPHATE" ?                                                 'C9 H14 N3 O7 P'   
307.197 
DG  'DNA linking' y "2'-DEOXYGUANOSINE-5'-MONOPHOSPHATE" ?                                                 'C10 H14 N5 O7 P'  
347.221 
DT  'DNA linking' y "THYMIDINE-5'-MONOPHOSPHATE" ?                                                 'C10 H15 N2 O8 P'  322.208 
# 
loop_
_pdbx_poly_seq_scheme.asym_id 
_pdbx_poly_seq_scheme.entity_id 
_pdbx_poly_seq_scheme.seq_id 
_pdbx_poly_seq_scheme.mon_id 
_pdbx_poly_seq_scheme.ndb_seq_num 
_pdbx_poly_seq_scheme.pdb_seq_num 
_pdbx_poly_seq_scheme.auth_seq_num 
_pdbx_poly_seq_scheme.pdb_mon_id 
_pdbx_poly_seq_scheme.auth_mon_id 
_pdbx_poly_seq_scheme.pdb_strand_id 
_pdbx_poly_seq_scheme.pdb_ins_code 
_pdbx_poly_seq_scheme.hetero 
A 1 1  DG 1  1  1  DG G A . n 
A 1 2  DA 2  2  2  DA A A . n 
A 1 3  DA 3  3  3  DA A A . n 
A 1 4  DC 4  4  4  DC C A . n 
A 1 5  DC 5  5  5  DC C A . n 
A 1 6  DG 6  6  6  DG G A . n 
A 1 7  DG 7  7  7  DG G A . n 
A 1 8  DT 8  8  8  DT T A . n 
A 1 9  DT 9  9  9  DT T A . n 
A 1 10 DC 10 10 10 DC C A . n 
B 1 1  DG 1  11 11 DG G B . n 
B 1 2  DA 2  12 12 DA A B . n 
B 1 3  DA 3  13 13 DA A B . n 
B 1 4  DC 4  14 14 DC C B . n 
B 1 5  DC 5  15 15 DC C B . n 
B 1 6  DG 6  16 16 DG G B . n 
B 1 7  DG 7  17 17 DG G B . n 
B 1 8  DT 8  18 18 DT T B . n 
B 1 9  DT 9  19 19 DT T B . n 
B 1 10 DC 10 20 20 DC C B . n 
# 
loop_
_pdbx_nonpoly_scheme.asym_id 
_pdbx_nonpoly_scheme.entity_id 
_pdbx_nonpoly_scheme.mon_id 
_pdbx_nonpoly_scheme.ndb_seq_num 
_pdbx_nonpoly_scheme.pdb_seq_num 
_pdbx_nonpoly_scheme.auth_seq_num 
_pdbx_nonpoly_scheme.pdb_mon_id 
_pdbx_nonpoly_scheme.auth_mon_id 
_pdbx_nonpoly_scheme.pdb_strand_id 
_pdbx_nonpoly_scheme.pdb_ins_code 
C 2 AR1 1 11 1 AR1 AR1 A . 
D 2 AR1 1 2  2 AR1 AR1 B . 
# 
_cell.entry_id           1B0S 
_cell.length_a           1.000 
_cell.length_b           1.000 
_cell.length_c           1.000 
_cell.angle_alpha        90.00 
_cell.angle_beta         90.00 
_cell.angle_gamma        90.00 
_cell.Z_PDB              1 
_cell.pdbx_unique_axis   ? 
# 
_symmetry.entry_id                         1B0S 
_symmetry.space_group_name_H-M             'P 1' 
_symmetry.pdbx_full_space_group_name_H-M   ? 
_symmetry.cell_setting                     ? 
_symmetry.Int_Tables_number                1 
# 
_exptl.entry_id          1B0S 
_exptl.method            'SOLUTION NMR' 
_exptl.crystals_number   ? 
# 
_struct.entry_id                  1B0S 
_struct.title                     
'BINDING OF AR-1-144, A TRI-IMIDAZOLE DNA MINOR GROOVE BINDER, TO CCGG SEQUENCE ANALYZED BY NMR SPECTROSCOPY' 
_struct.pdbx_model_details        ? 
_struct.pdbx_CASP_flag            ? 
_struct.pdbx_model_type_details   ? 
# 
_struct_keywords.entry_id        1B0S 
_struct_keywords.pdbx_keywords   DNA 
_struct_keywords.text            'ANTICANCER DRUG, DRUG DESIGN, DNA STRUCTURE, SEQUENCE SPECIFIC RECOGNITION, DNA' 
# 
loop_
_struct_asym.id 
_struct_asym.pdbx_blank_PDB_chainid_flag 
_struct_asym.pdbx_modified 
_struct_asym.entity_id 
_struct_asym.details 
A N N 1 ? 
B N N 1 ? 
C N N 2 ? 
D N N 2 ? 
# 
_struct_ref.id                         1 
_struct_ref.entity_id                  1 
_struct_ref.db_name                    PDB 
_struct_ref.db_code                    1B0S 
_struct_ref.pdbx_db_accession          1B0S 
_struct_ref.pdbx_db_isoform            ? 
_struct_ref.pdbx_seq_one_letter_code   ? 
_struct_ref.pdbx_align_begin           ? 
# 
loop_
_struct_ref_seq.align_id 
_struct_ref_seq.ref_id 
_struct_ref_seq.pdbx_PDB_id_code 
_struct_ref_seq.pdbx_strand_id 
_struct_ref_seq.seq_align_beg 
_struct_ref_seq.pdbx_seq_align_beg_ins_code 
_struct_ref_seq.seq_align_end 
_struct_ref_seq.pdbx_seq_align_end_ins_code 
_struct_ref_seq.pdbx_db_accession 
_struct_ref_seq.db_align_beg 
_struct_ref_seq.pdbx_db_align_beg_ins_code 
_struct_ref_seq.db_align_end 
_struct_ref_seq.pdbx_db_align_end_ins_code 
_struct_ref_seq.pdbx_auth_seq_align_beg 
_struct_ref_seq.pdbx_auth_seq_align_end 
1 1 1B0S A 1 ? 10 ? 1B0S 1  ? 10 ? 1  10 
2 1 1B0S B 1 ? 10 ? 1B0S 11 ? 20 ? 11 20 
# 
_pdbx_struct_assembly.id                   1 
_pdbx_struct_assembly.details              author_defined_assembly 
_pdbx_struct_assembly.method_details       ? 
_pdbx_struct_assembly.oligomeric_details   dimeric 
_pdbx_struct_assembly.oligomeric_count     2 
# 
_pdbx_struct_assembly_gen.assembly_id       1 
_pdbx_struct_assembly_gen.oper_expression   1 
_pdbx_struct_assembly_gen.asym_id_list      A,B,C,D 
# 
_pdbx_struct_oper_list.id                   1 
_pdbx_struct_oper_list.type                 'identity operation' 
_pdbx_struct_oper_list.name                 1_555 
_pdbx_struct_oper_list.symmetry_operation   x,y,z 
_pdbx_struct_oper_list.matrix[1][1]         1.0000000000 
_pdbx_struct_oper_list.matrix[1][2]         0.0000000000 
_pdbx_struct_oper_list.matrix[1][3]         0.0000000000 
_pdbx_struct_oper_list.vector[1]            0.0000000000 
_pdbx_struct_oper_list.matrix[2][1]         0.0000000000 
_pdbx_struct_oper_list.matrix[2][2]         1.0000000000 
_pdbx_struct_oper_list.matrix[2][3]         0.0000000000 
_pdbx_struct_oper_list.vector[2]            0.0000000000 
_pdbx_struct_oper_list.matrix[3][1]         0.0000000000 
_pdbx_struct_oper_list.matrix[3][2]         0.0000000000 
_pdbx_struct_oper_list.matrix[3][3]         1.0000000000 
_pdbx_struct_oper_list.vector[3]            0.0000000000 
# 
_struct_biol.id   1 
# 
loop_
_struct_conn.id 
_struct_conn.conn_type_id 
_struct_conn.pdbx_leaving_atom_flag 
_struct_conn.pdbx_PDB_id 
_struct_conn.ptnr1_label_asym_id 
_struct_conn.ptnr1_label_comp_id 
_struct_conn.ptnr1_label_seq_id 
_struct_conn.ptnr1_label_atom_id 
_struct_conn.pdbx_ptnr1_label_alt_id 
_struct_conn.pdbx_ptnr1_PDB_ins_code 
_struct_conn.pdbx_ptnr1_standard_comp_id 
_struct_conn.ptnr1_symmetry 
_struct_conn.ptnr2_label_asym_id 
_struct_conn.ptnr2_label_comp_id 
_struct_conn.ptnr2_label_seq_id 
_struct_conn.ptnr2_label_atom_id 
_struct_conn.pdbx_ptnr2_label_alt_id 
_struct_conn.pdbx_ptnr2_PDB_ins_code 
_struct_conn.ptnr1_auth_asym_id 
_struct_conn.ptnr1_auth_comp_id 
_struct_conn.ptnr1_auth_seq_id 
_struct_conn.ptnr2_auth_asym_id 
_struct_conn.ptnr2_auth_comp_id 
_struct_conn.ptnr2_auth_seq_id 
_struct_conn.ptnr2_symmetry 
_struct_conn.pdbx_ptnr3_label_atom_id 
_struct_conn.pdbx_ptnr3_label_seq_id 
_struct_conn.pdbx_ptnr3_label_comp_id 
_struct_conn.pdbx_ptnr3_label_asym_id 
_struct_conn.pdbx_ptnr3_label_alt_id 
_struct_conn.pdbx_ptnr3_PDB_ins_code 
_struct_conn.details 
_struct_conn.pdbx_dist_value 
_struct_conn.pdbx_value_order 
_struct_conn.pdbx_role 
hydrog1  hydrog ? ? A DG 1  N1 ? ? ? 1_555 B DC 10 N3 ? ? A DG 1  B DC 20 1_555 ? ? ? ? ? ? WATSON-CRICK ? ? ? 
hydrog2  hydrog ? ? A DG 1  N2 ? ? ? 1_555 B DC 10 O2 ? ? A DG 1  B DC 20 1_555 ? ? ? ? ? ? WATSON-CRICK ? ? ? 
hydrog3  hydrog ? ? A DG 1  O6 ? ? ? 1_555 B DC 10 N4 ? ? A DG 1  B DC 20 1_555 ? ? ? ? ? ? WATSON-CRICK ? ? ? 
hydrog4  hydrog ? ? A DA 2  N1 ? ? ? 1_555 B DT 9  N3 ? ? A DA 2  B DT 19 1_555 ? ? ? ? ? ? WATSON-CRICK ? ? ? 
hydrog5  hydrog ? ? A DA 2  N6 ? ? ? 1_555 B DT 9  O4 ? ? A DA 2  B DT 19 1_555 ? ? ? ? ? ? WATSON-CRICK ? ? ? 
hydrog6  hydrog ? ? A DA 3  N1 ? ? ? 1_555 B DT 8  N3 ? ? A DA 3  B DT 18 1_555 ? ? ? ? ? ? WATSON-CRICK ? ? ? 
hydrog7  hydrog ? ? A DA 3  N6 ? ? ? 1_555 B DT 8  O4 ? ? A DA 3  B DT 18 1_555 ? ? ? ? ? ? WATSON-CRICK ? ? ? 
hydrog8  hydrog ? ? A DC 4  N3 ? ? ? 1_555 B DG 7  N1 ? ? A DC 4  B DG 17 1_555 ? ? ? ? ? ? WATSON-CRICK ? ? ? 
hydrog9  hydrog ? ? A DC 4  N4 ? ? ? 1_555 B DG 7  O6 ? ? A DC 4  B DG 17 1_555 ? ? ? ? ? ? WATSON-CRICK ? ? ? 
hydrog10 hydrog ? ? A DC 4  O2 ? ? ? 1_555 B DG 7  N2 ? ? A DC 4  B DG 17 1_555 ? ? ? ? ? ? WATSON-CRICK ? ? ? 
hydrog11 hydrog ? ? A DC 5  N3 ? ? ? 1_555 B DG 6  N1 ? ? A DC 5  B DG 16 1_555 ? ? ? ? ? ? WATSON-CRICK ? ? ? 
hydrog12 hydrog ? ? A DC 5  N4 ? ? ? 1_555 B DG 6  O6 ? ? A DC 5  B DG 16 1_555 ? ? ? ? ? ? WATSON-CRICK ? ? ? 
hydrog13 hydrog ? ? A DC 5  O2 ? ? ? 1_555 B DG 6  N2 ? ? A DC 5  B DG 16 1_555 ? ? ? ? ? ? WATSON-CRICK ? ? ? 
hydrog14 hydrog ? ? A DG 6  N1 ? ? ? 1_555 B DC 5  N3 ? ? A DG 6  B DC 15 1_555 ? ? ? ? ? ? WATSON-CRICK ? ? ? 
hydrog15 hydrog ? ? A DG 6  N2 ? ? ? 1_555 B DC 5  O2 ? ? A DG 6  B DC 15 1_555 ? ? ? ? ? ? WATSON-CRICK ? ? ? 
hydrog16 hydrog ? ? A DG 6  O6 ? ? ? 1_555 B DC 5  N4 ? ? A DG 6  B DC 15 1_555 ? ? ? ? ? ? WATSON-CRICK ? ? ? 
hydrog17 hydrog ? ? A DG 7  N1 ? ? ? 1_555 B DC 4  N3 ? ? A DG 7  B DC 14 1_555 ? ? ? ? ? ? WATSON-CRICK ? ? ? 
hydrog18 hydrog ? ? A DG 7  N2 ? ? ? 1_555 B DC 4  O2 ? ? A DG 7  B DC 14 1_555 ? ? ? ? ? ? WATSON-CRICK ? ? ? 
hydrog19 hydrog ? ? A DG 7  O6 ? ? ? 1_555 B DC 4  N4 ? ? A DG 7  B DC 14 1_555 ? ? ? ? ? ? WATSON-CRICK ? ? ? 
hydrog20 hydrog ? ? A DT 8  N3 ? ? ? 1_555 B DA 3  N1 ? ? A DT 8  B DA 13 1_555 ? ? ? ? ? ? WATSON-CRICK ? ? ? 
hydrog21 hydrog ? ? A DT 8  O4 ? ? ? 1_555 B DA 3  N6 ? ? A DT 8  B DA 13 1_555 ? ? ? ? ? ? WATSON-CRICK ? ? ? 
hydrog22 hydrog ? ? A DT 9  N3 ? ? ? 1_555 B DA 2  N1 ? ? A DT 9  B DA 12 1_555 ? ? ? ? ? ? WATSON-CRICK ? ? ? 
hydrog23 hydrog ? ? A DT 9  O4 ? ? ? 1_555 B DA 2  N6 ? ? A DT 9  B DA 12 1_555 ? ? ? ? ? ? WATSON-CRICK ? ? ? 
hydrog24 hydrog ? ? A DC 10 N3 ? ? ? 1_555 B DG 1  N1 ? ? A DC 10 B DG 11 1_555 ? ? ? ? ? ? WATSON-CRICK ? ? ? 
hydrog25 hydrog ? ? A DC 10 N4 ? ? ? 1_555 B DG 1  O6 ? ? A DC 10 B DG 11 1_555 ? ? ? ? ? ? WATSON-CRICK ? ? ? 
hydrog26 hydrog ? ? A DC 10 O2 ? ? ? 1_555 B DG 1  N2 ? ? A DC 10 B DG 11 1_555 ? ? ? ? ? ? WATSON-CRICK ? ? ? 
# 
_struct_conn_type.id          hydrog 
_struct_conn_type.criteria    ? 
_struct_conn_type.reference   ? 
# 
loop_
_struct_site.id 
_struct_site.pdbx_evidence_code 
_struct_site.pdbx_auth_asym_id 
_struct_site.pdbx_auth_comp_id 
_struct_site.pdbx_auth_seq_id 
_struct_site.pdbx_auth_ins_code 
_struct_site.pdbx_num_residues 
_struct_site.details 
AC1 Software A AR1 11 ? 9 'BINDING SITE FOR RESIDUE AR1 A 11' 
AC2 Software B AR1 2  ? 9 'BINDING SITE FOR RESIDUE AR1 B 2'  
# 
loop_
_struct_site_gen.id 
_struct_site_gen.site_id 
_struct_site_gen.pdbx_num_res 
_struct_site_gen.label_comp_id 
_struct_site_gen.label_asym_id 
_struct_site_gen.label_seq_id 
_struct_site_gen.pdbx_auth_ins_code 
_struct_site_gen.auth_comp_id 
_struct_site_gen.auth_asym_id 
_struct_site_gen.auth_seq_id 
_struct_site_gen.label_atom_id 
_struct_site_gen.label_alt_id 
_struct_site_gen.symmetry 
_struct_site_gen.details 
1  AC1 9 DC  A 5 ? DC  A 5  . ? 1_555 ? 
2  AC1 9 DG  A 6 ? DG  A 6  . ? 1_555 ? 
3  AC1 9 DG  A 7 ? DG  A 7  . ? 1_555 ? 
4  AC1 9 DT  A 8 ? DT  A 8  . ? 1_555 ? 
5  AC1 9 DT  A 9 ? DT  A 9  . ? 1_555 ? 
6  AC1 9 AR1 D . ? AR1 B 2  . ? 1_555 ? 
7  AC1 9 DC  B 4 ? DC  B 14 . ? 1_555 ? 
8  AC1 9 DG  B 6 ? DG  B 16 . ? 1_555 ? 
9  AC1 9 DG  B 7 ? DG  B 17 . ? 1_555 ? 
10 AC2 9 DC  A 4 ? DC  A 4  . ? 1_555 ? 
11 AC2 9 DG  A 6 ? DG  A 6  . ? 1_555 ? 
12 AC2 9 DG  A 7 ? DG  A 7  . ? 1_555 ? 
13 AC2 9 AR1 C . ? AR1 A 11 . ? 1_555 ? 
14 AC2 9 DC  B 5 ? DC  B 15 . ? 1_555 ? 
15 AC2 9 DG  B 6 ? DG  B 16 . ? 1_555 ? 
16 AC2 9 DG  B 7 ? DG  B 17 . ? 1_555 ? 
17 AC2 9 DT  B 8 ? DT  B 18 . ? 1_555 ? 
18 AC2 9 DT  B 9 ? DT  B 19 . ? 1_555 ? 
# 
loop_
_pdbx_validate_rmsd_bond.id 
_pdbx_validate_rmsd_bond.PDB_model_num 
_pdbx_validate_rmsd_bond.auth_atom_id_1 
_pdbx_validate_rmsd_bond.auth_asym_id_1 
_pdbx_validate_rmsd_bond.auth_comp_id_1 
_pdbx_validate_rmsd_bond.auth_seq_id_1 
_pdbx_validate_rmsd_bond.PDB_ins_code_1 
_pdbx_validate_rmsd_bond.label_alt_id_1 
_pdbx_validate_rmsd_bond.auth_atom_id_2 
_pdbx_validate_rmsd_bond.auth_asym_id_2 
_pdbx_validate_rmsd_bond.auth_comp_id_2 
_pdbx_validate_rmsd_bond.auth_seq_id_2 
_pdbx_validate_rmsd_bond.PDB_ins_code_2 
_pdbx_validate_rmsd_bond.label_alt_id_2 
_pdbx_validate_rmsd_bond.bond_value 
_pdbx_validate_rmsd_bond.bond_target_value 
_pdbx_validate_rmsd_bond.bond_deviation 
_pdbx_validate_rmsd_bond.bond_standard_deviation 
_pdbx_validate_rmsd_bond.linker_flag 
1 1 C5 A DT 8  ? ? C7 A DT 8  ? ? 1.544 1.496 0.048 0.006 N 
2 1 C5 A DT 9  ? ? C7 A DT 9  ? ? 1.546 1.496 0.050 0.006 N 
3 1 C5 A DC 10 ? ? C6 A DC 10 ? ? 1.388 1.339 0.049 0.008 N 
4 1 C5 B DT 18 ? ? C7 B DT 18 ? ? 1.544 1.496 0.048 0.006 N 
5 1 C5 B DT 19 ? ? C7 B DT 19 ? ? 1.545 1.496 0.049 0.006 N 
6 1 C5 B DC 20 ? ? C6 B DC 20 ? ? 1.389 1.339 0.050 0.008 N 
# 
loop_
_pdbx_validate_rmsd_angle.id 
_pdbx_validate_rmsd_angle.PDB_model_num 
_pdbx_validate_rmsd_angle.auth_atom_id_1 
_pdbx_validate_rmsd_angle.auth_asym_id_1 
_pdbx_validate_rmsd_angle.auth_comp_id_1 
_pdbx_validate_rmsd_angle.auth_seq_id_1 
_pdbx_validate_rmsd_angle.PDB_ins_code_1 
_pdbx_validate_rmsd_angle.label_alt_id_1 
_pdbx_validate_rmsd_angle.auth_atom_id_2 
_pdbx_validate_rmsd_angle.auth_asym_id_2 
_pdbx_validate_rmsd_angle.auth_comp_id_2 
_pdbx_validate_rmsd_angle.auth_seq_id_2 
_pdbx_validate_rmsd_angle.PDB_ins_code_2 
_pdbx_validate_rmsd_angle.label_alt_id_2 
_pdbx_validate_rmsd_angle.auth_atom_id_3 
_pdbx_validate_rmsd_angle.auth_asym_id_3 
_pdbx_validate_rmsd_angle.auth_comp_id_3 
_pdbx_validate_rmsd_angle.auth_seq_id_3 
_pdbx_validate_rmsd_angle.PDB_ins_code_3 
_pdbx_validate_rmsd_angle.label_alt_id_3 
_pdbx_validate_rmsd_angle.angle_value 
_pdbx_validate_rmsd_angle.angle_target_value 
_pdbx_validate_rmsd_angle.angle_deviation 
_pdbx_validate_rmsd_angle.angle_standard_deviation 
_pdbx_validate_rmsd_angle.linker_flag 
1  1 "O4'" A DG 1  ? ? "C1'" A DG 1  ? ? N9    A DG 1  ? ? 111.61 108.30 3.31  0.30 N 
2  1 "O4'" A DA 3  ? ? "C1'" A DA 3  ? ? "C2'" A DA 3  ? ? 100.76 105.90 -5.14 0.80 N 
3  1 "O4'" A DA 3  ? ? "C1'" A DA 3  ? ? N9    A DA 3  ? ? 114.23 108.30 5.93  0.30 N 
4  1 "O4'" A DC 5  ? ? "C1'" A DC 5  ? ? "C2'" A DC 5  ? ? 98.86  105.90 -7.04 0.80 N 
5  1 "O4'" A DC 5  ? ? "C1'" A DC 5  ? ? N1    A DC 5  ? ? 114.33 108.30 6.03  0.30 N 
6  1 N1    A DC 5  ? ? C2    A DC 5  ? ? O2    A DC 5  ? ? 122.81 118.90 3.91  0.60 N 
7  1 "C3'" A DG 6  ? ? "O3'" A DG 6  ? ? P     A DG 7  ? ? 126.99 119.70 7.29  1.20 Y 
8  1 "O4'" A DG 7  ? ? "C1'" A DG 7  ? ? N9    A DG 7  ? ? 114.29 108.30 5.99  0.30 N 
9  1 "O4'" A DT 8  ? ? "C1'" A DT 8  ? ? N1    A DT 8  ? ? 114.55 108.30 6.25  0.30 N 
10 1 C2    A DC 10 ? ? N3    A DC 10 ? ? C4    A DC 10 ? ? 123.05 119.90 3.15  0.50 N 
11 1 "O4'" B DG 11 ? ? "C1'" B DG 11 ? ? N9    B DG 11 ? ? 111.65 108.30 3.35  0.30 N 
12 1 "O4'" B DA 13 ? ? "C1'" B DA 13 ? ? "C2'" B DA 13 ? ? 100.73 105.90 -5.17 0.80 N 
13 1 "O4'" B DA 13 ? ? "C1'" B DA 13 ? ? N9    B DA 13 ? ? 114.30 108.30 6.00  0.30 N 
14 1 "O4'" B DC 15 ? ? "C1'" B DC 15 ? ? "C2'" B DC 15 ? ? 98.88  105.90 -7.02 0.80 N 
15 1 "O4'" B DC 15 ? ? "C1'" B DC 15 ? ? N1    B DC 15 ? ? 114.32 108.30 6.02  0.30 N 
16 1 N1    B DC 15 ? ? C2    B DC 15 ? ? O2    B DC 15 ? ? 122.85 118.90 3.95  0.60 N 
17 1 "C3'" B DG 16 ? ? "O3'" B DG 16 ? ? P     B DG 17 ? ? 126.96 119.70 7.26  1.20 Y 
18 1 "O4'" B DG 17 ? ? "C1'" B DG 17 ? ? N9    B DG 17 ? ? 114.29 108.30 5.99  0.30 N 
19 1 "O4'" B DT 18 ? ? "C1'" B DT 18 ? ? N1    B DT 18 ? ? 114.56 108.30 6.26  0.30 N 
20 1 C2    B DC 20 ? ? N3    B DC 20 ? ? C4    B DC 20 ? ? 123.10 119.90 3.20  0.50 N 
# 
loop_
_pdbx_validate_planes.id 
_pdbx_validate_planes.PDB_model_num 
_pdbx_validate_planes.auth_comp_id 
_pdbx_validate_planes.auth_asym_id 
_pdbx_validate_planes.auth_seq_id 
_pdbx_validate_planes.PDB_ins_code 
_pdbx_validate_planes.label_alt_id 
_pdbx_validate_planes.rmsd 
_pdbx_validate_planes.type 
1 1 DT A 8  ? ? 0.065 'SIDE CHAIN' 
2 1 DT A 9  ? ? 0.069 'SIDE CHAIN' 
3 1 DT B 19 ? ? 0.069 'SIDE CHAIN' 
# 
_pdbx_nmr_ensemble.entry_id                                      1B0S 
_pdbx_nmr_ensemble.conformers_calculated_total_number            11 
_pdbx_nmr_ensemble.conformers_submitted_total_number             1 
_pdbx_nmr_ensemble.conformer_selection_criteria                  'REFINED AVERAGE STRUCTURE' 
_pdbx_nmr_ensemble.average_constraints_per_residue               ? 
_pdbx_nmr_ensemble.average_constraint_violations_per_residue     ? 
_pdbx_nmr_ensemble.maximum_distance_constraint_violation         ? 
_pdbx_nmr_ensemble.average_distance_constraint_violation         ? 
_pdbx_nmr_ensemble.maximum_upper_distance_constraint_violation   ? 
_pdbx_nmr_ensemble.maximum_lower_distance_constraint_violation   ? 
_pdbx_nmr_ensemble.distance_constraint_violation_method          ? 
_pdbx_nmr_ensemble.maximum_torsion_angle_constraint_violation    ? 
_pdbx_nmr_ensemble.average_torsion_angle_constraint_violation    ? 
_pdbx_nmr_ensemble.torsion_angle_constraint_violation_method     ? 
# 
_pdbx_nmr_exptl_sample_conditions.conditions_id       1 
_pdbx_nmr_exptl_sample_conditions.temperature         275 
_pdbx_nmr_exptl_sample_conditions.pressure            1 
_pdbx_nmr_exptl_sample_conditions.pH                  7.0 
_pdbx_nmr_exptl_sample_conditions.ionic_strength      ? 
_pdbx_nmr_exptl_sample_conditions.pressure_units      atm 
_pdbx_nmr_exptl_sample_conditions.temperature_units   K 
# 
loop_
_pdbx_nmr_exptl.experiment_id 
_pdbx_nmr_exptl.conditions_id 
_pdbx_nmr_exptl.type 
_pdbx_nmr_exptl.solution_id 
1 1 NOESY 1 
2 1 TOCSY 1 
# 
_pdbx_nmr_details.entry_id   1B0S 
_pdbx_nmr_details.text       
;REFINED AVERAGE STRUCTURE. THE STRUCTURE WAS DETERMINED USING 1H 2D NMR 
SPECTROSCOPY
;
# 
_pdbx_nmr_refine.entry_id           1B0S 
_pdbx_nmr_refine.method             NOE-RMD 
_pdbx_nmr_refine.details            ? 
_pdbx_nmr_refine.software_ordinal   1 
# 
loop_
_pdbx_nmr_software.classification 
_pdbx_nmr_software.name 
_pdbx_nmr_software.version 
_pdbx_nmr_software.authors 
_pdbx_nmr_software.ordinal 
refinement           X-PLOR  3.1 BRUNGER 1 
'structure solution' X-PLOR  3.1 ?       2 
'structure solution' SPEDREF ?   ?       3 
# 
loop_
_chem_comp_atom.comp_id 
_chem_comp_atom.atom_id 
_chem_comp_atom.type_symbol 
_chem_comp_atom.pdbx_aromatic_flag 
_chem_comp_atom.pdbx_stereo_config 
_chem_comp_atom.pdbx_ordinal 
AR1 CA     C N N 1   
AR1 OA     O N N 2   
AR1 N1     N N N 3   
AR1 C11    C Y N 4   
AR1 N21    N Y N 5   
AR1 C31    C Y N 6   
AR1 N41    N Y N 7   
AR1 CN1    C N N 8   
AR1 C51    C Y N 9   
AR1 C1     C N N 10  
AR1 O1     O N N 11  
AR1 N2     N N N 12  
AR1 C12    C Y N 13  
AR1 N22    N Y N 14  
AR1 C32    C Y N 15  
AR1 N42    N Y N 16  
AR1 CN2    C N N 17  
AR1 C52    C Y N 18  
AR1 C2     C N N 19  
AR1 O2     O N N 20  
AR1 N3     N N N 21  
AR1 C13    C Y N 22  
AR1 N23    N Y N 23  
AR1 C33    C Y N 24  
AR1 N43    N Y N 25  
AR1 CN3    C N N 26  
AR1 C53    C Y N 27  
AR1 C3     C N N 28  
AR1 O3     O N N 29  
AR1 NT     N N N 30  
AR1 C1T    C N N 31  
AR1 C2T    C N N 32  
AR1 N3T    N N N 33  
AR1 CNT    C N N 34  
AR1 CMT    C N N 35  
AR1 HA     H N N 36  
AR1 HN1    H N N 37  
AR1 HN11   H N N 38  
AR1 HN12   H N N 39  
AR1 HN13   H N N 40  
AR1 H51    H N N 41  
AR1 HN2    H N N 42  
AR1 HN21   H N N 43  
AR1 HN22   H N N 44  
AR1 HN23   H N N 45  
AR1 H52    H N N 46  
AR1 HN3    H N N 47  
AR1 HN31   H N N 48  
AR1 HN32   H N N 49  
AR1 HN33   H N N 50  
AR1 H53    H N N 51  
AR1 HT     H N N 52  
AR1 H1T1   H N N 53  
AR1 H1T2   H N N 54  
AR1 H2T1   H N N 55  
AR1 H2T2   H N N 56  
AR1 HNT    H N N 57  
AR1 HNT1   H N N 58  
AR1 HNT2   H N N 59  
AR1 HNT3   H N N 60  
AR1 HMT1   H N N 61  
AR1 HMT2   H N N 62  
AR1 HMT3   H N N 63  
DA  OP3    O N N 64  
DA  P      P N N 65  
DA  OP1    O N N 66  
DA  OP2    O N N 67  
DA  "O5'"  O N N 68  
DA  "C5'"  C N N 69  
DA  "C4'"  C N R 70  
DA  "O4'"  O N N 71  
DA  "C3'"  C N S 72  
DA  "O3'"  O N N 73  
DA  "C2'"  C N N 74  
DA  "C1'"  C N R 75  
DA  N9     N Y N 76  
DA  C8     C Y N 77  
DA  N7     N Y N 78  
DA  C5     C Y N 79  
DA  C6     C Y N 80  
DA  N6     N N N 81  
DA  N1     N Y N 82  
DA  C2     C Y N 83  
DA  N3     N Y N 84  
DA  C4     C Y N 85  
DA  HOP3   H N N 86  
DA  HOP2   H N N 87  
DA  "H5'"  H N N 88  
DA  "H5''" H N N 89  
DA  "H4'"  H N N 90  
DA  "H3'"  H N N 91  
DA  "HO3'" H N N 92  
DA  "H2'"  H N N 93  
DA  "H2''" H N N 94  
DA  "H1'"  H N N 95  
DA  H8     H N N 96  
DA  H61    H N N 97  
DA  H62    H N N 98  
DA  H2     H N N 99  
DC  OP3    O N N 100 
DC  P      P N N 101 
DC  OP1    O N N 102 
DC  OP2    O N N 103 
DC  "O5'"  O N N 104 
DC  "C5'"  C N N 105 
DC  "C4'"  C N R 106 
DC  "O4'"  O N N 107 
DC  "C3'"  C N S 108 
DC  "O3'"  O N N 109 
DC  "C2'"  C N N 110 
DC  "C1'"  C N R 111 
DC  N1     N N N 112 
DC  C2     C N N 113 
DC  O2     O N N 114 
DC  N3     N N N 115 
DC  C4     C N N 116 
DC  N4     N N N 117 
DC  C5     C N N 118 
DC  C6     C N N 119 
DC  HOP3   H N N 120 
DC  HOP2   H N N 121 
DC  "H5'"  H N N 122 
DC  "H5''" H N N 123 
DC  "H4'"  H N N 124 
DC  "H3'"  H N N 125 
DC  "HO3'" H N N 126 
DC  "H2'"  H N N 127 
DC  "H2''" H N N 128 
DC  "H1'"  H N N 129 
DC  H41    H N N 130 
DC  H42    H N N 131 
DC  H5     H N N 132 
DC  H6     H N N 133 
DG  OP3    O N N 134 
DG  P      P N N 135 
DG  OP1    O N N 136 
DG  OP2    O N N 137 
DG  "O5'"  O N N 138 
DG  "C5'"  C N N 139 
DG  "C4'"  C N R 140 
DG  "O4'"  O N N 141 
DG  "C3'"  C N S 142 
DG  "O3'"  O N N 143 
DG  "C2'"  C N N 144 
DG  "C1'"  C N R 145 
DG  N9     N Y N 146 
DG  C8     C Y N 147 
DG  N7     N Y N 148 
DG  C5     C Y N 149 
DG  C6     C N N 150 
DG  O6     O N N 151 
DG  N1     N N N 152 
DG  C2     C N N 153 
DG  N2     N N N 154 
DG  N3     N N N 155 
DG  C4     C Y N 156 
DG  HOP3   H N N 157 
DG  HOP2   H N N 158 
DG  "H5'"  H N N 159 
DG  "H5''" H N N 160 
DG  "H4'"  H N N 161 
DG  "H3'"  H N N 162 
DG  "HO3'" H N N 163 
DG  "H2'"  H N N 164 
DG  "H2''" H N N 165 
DG  "H1'"  H N N 166 
DG  H8     H N N 167 
DG  H1     H N N 168 
DG  H21    H N N 169 
DG  H22    H N N 170 
DT  OP3    O N N 171 
DT  P      P N N 172 
DT  OP1    O N N 173 
DT  OP2    O N N 174 
DT  "O5'"  O N N 175 
DT  "C5'"  C N N 176 
DT  "C4'"  C N R 177 
DT  "O4'"  O N N 178 
DT  "C3'"  C N S 179 
DT  "O3'"  O N N 180 
DT  "C2'"  C N N 181 
DT  "C1'"  C N R 182 
DT  N1     N N N 183 
DT  C2     C N N 184 
DT  O2     O N N 185 
DT  N3     N N N 186 
DT  C4     C N N 187 
DT  O4     O N N 188 
DT  C5     C N N 189 
DT  C7     C N N 190 
DT  C6     C N N 191 
DT  HOP3   H N N 192 
DT  HOP2   H N N 193 
DT  "H5'"  H N N 194 
DT  "H5''" H N N 195 
DT  "H4'"  H N N 196 
DT  "H3'"  H N N 197 
DT  "HO3'" H N N 198 
DT  "H2'"  H N N 199 
DT  "H2''" H N N 200 
DT  "H1'"  H N N 201 
DT  H3     H N N 202 
DT  H71    H N N 203 
DT  H72    H N N 204 
DT  H73    H N N 205 
DT  H6     H N N 206 
# 
loop_
_chem_comp_bond.comp_id 
_chem_comp_bond.atom_id_1 
_chem_comp_bond.atom_id_2 
_chem_comp_bond.value_order 
_chem_comp_bond.pdbx_aromatic_flag 
_chem_comp_bond.pdbx_stereo_config 
_chem_comp_bond.pdbx_ordinal 
AR1 CA    OA     doub N N 1   
AR1 CA    N1     sing N N 2   
AR1 CA    HA     sing N N 3   
AR1 N1    C11    sing N N 4   
AR1 N1    HN1    sing N N 5   
AR1 C11   N21    sing Y N 6   
AR1 C11   C51    doub Y N 7   
AR1 N21   C31    doub Y N 8   
AR1 C31   N41    sing Y N 9   
AR1 C31   C1     sing N N 10  
AR1 N41   CN1    sing N N 11  
AR1 N41   C51    sing Y N 12  
AR1 CN1   HN11   sing N N 13  
AR1 CN1   HN12   sing N N 14  
AR1 CN1   HN13   sing N N 15  
AR1 C51   H51    sing N N 16  
AR1 C1    O1     doub N N 17  
AR1 C1    N2     sing N N 18  
AR1 N2    C12    sing N N 19  
AR1 N2    HN2    sing N N 20  
AR1 C12   N22    sing Y N 21  
AR1 C12   C52    doub Y N 22  
AR1 N22   C32    doub Y N 23  
AR1 C32   N42    sing Y N 24  
AR1 C32   C2     sing N N 25  
AR1 N42   CN2    sing N N 26  
AR1 N42   C52    sing Y N 27  
AR1 CN2   HN21   sing N N 28  
AR1 CN2   HN22   sing N N 29  
AR1 CN2   HN23   sing N N 30  
AR1 C52   H52    sing N N 31  
AR1 C2    O2     doub N N 32  
AR1 C2    N3     sing N N 33  
AR1 N3    C13    sing N N 34  
AR1 N3    HN3    sing N N 35  
AR1 C13   N23    sing Y N 36  
AR1 C13   C53    doub Y N 37  
AR1 N23   C33    doub Y N 38  
AR1 C33   N43    sing Y N 39  
AR1 C33   C3     sing N N 40  
AR1 N43   CN3    sing N N 41  
AR1 N43   C53    sing Y N 42  
AR1 CN3   HN31   sing N N 43  
AR1 CN3   HN32   sing N N 44  
AR1 CN3   HN33   sing N N 45  
AR1 C53   H53    sing N N 46  
AR1 C3    O3     doub N N 47  
AR1 C3    NT     sing N N 48  
AR1 NT    C1T    sing N N 49  
AR1 NT    HT     sing N N 50  
AR1 C1T   C2T    sing N N 51  
AR1 C1T   H1T1   sing N N 52  
AR1 C1T   H1T2   sing N N 53  
AR1 C2T   N3T    sing N N 54  
AR1 C2T   H2T1   sing N N 55  
AR1 C2T   H2T2   sing N N 56  
AR1 N3T   CNT    sing N N 57  
AR1 N3T   CMT    sing N N 58  
AR1 N3T   HNT    sing N N 59  
AR1 CNT   HNT1   sing N N 60  
AR1 CNT   HNT2   sing N N 61  
AR1 CNT   HNT3   sing N N 62  
AR1 CMT   HMT1   sing N N 63  
AR1 CMT   HMT2   sing N N 64  
AR1 CMT   HMT3   sing N N 65  
DA  OP3   P      sing N N 66  
DA  OP3   HOP3   sing N N 67  
DA  P     OP1    doub N N 68  
DA  P     OP2    sing N N 69  
DA  P     "O5'"  sing N N 70  
DA  OP2   HOP2   sing N N 71  
DA  "O5'" "C5'"  sing N N 72  
DA  "C5'" "C4'"  sing N N 73  
DA  "C5'" "H5'"  sing N N 74  
DA  "C5'" "H5''" sing N N 75  
DA  "C4'" "O4'"  sing N N 76  
DA  "C4'" "C3'"  sing N N 77  
DA  "C4'" "H4'"  sing N N 78  
DA  "O4'" "C1'"  sing N N 79  
DA  "C3'" "O3'"  sing N N 80  
DA  "C3'" "C2'"  sing N N 81  
DA  "C3'" "H3'"  sing N N 82  
DA  "O3'" "HO3'" sing N N 83  
DA  "C2'" "C1'"  sing N N 84  
DA  "C2'" "H2'"  sing N N 85  
DA  "C2'" "H2''" sing N N 86  
DA  "C1'" N9     sing N N 87  
DA  "C1'" "H1'"  sing N N 88  
DA  N9    C8     sing Y N 89  
DA  N9    C4     sing Y N 90  
DA  C8    N7     doub Y N 91  
DA  C8    H8     sing N N 92  
DA  N7    C5     sing Y N 93  
DA  C5    C6     sing Y N 94  
DA  C5    C4     doub Y N 95  
DA  C6    N6     sing N N 96  
DA  C6    N1     doub Y N 97  
DA  N6    H61    sing N N 98  
DA  N6    H62    sing N N 99  
DA  N1    C2     sing Y N 100 
DA  C2    N3     doub Y N 101 
DA  C2    H2     sing N N 102 
DA  N3    C4     sing Y N 103 
DC  OP3   P      sing N N 104 
DC  OP3   HOP3   sing N N 105 
DC  P     OP1    doub N N 106 
DC  P     OP2    sing N N 107 
DC  P     "O5'"  sing N N 108 
DC  OP2   HOP2   sing N N 109 
DC  "O5'" "C5'"  sing N N 110 
DC  "C5'" "C4'"  sing N N 111 
DC  "C5'" "H5'"  sing N N 112 
DC  "C5'" "H5''" sing N N 113 
DC  "C4'" "O4'"  sing N N 114 
DC  "C4'" "C3'"  sing N N 115 
DC  "C4'" "H4'"  sing N N 116 
DC  "O4'" "C1'"  sing N N 117 
DC  "C3'" "O3'"  sing N N 118 
DC  "C3'" "C2'"  sing N N 119 
DC  "C3'" "H3'"  sing N N 120 
DC  "O3'" "HO3'" sing N N 121 
DC  "C2'" "C1'"  sing N N 122 
DC  "C2'" "H2'"  sing N N 123 
DC  "C2'" "H2''" sing N N 124 
DC  "C1'" N1     sing N N 125 
DC  "C1'" "H1'"  sing N N 126 
DC  N1    C2     sing N N 127 
DC  N1    C6     sing N N 128 
DC  C2    O2     doub N N 129 
DC  C2    N3     sing N N 130 
DC  N3    C4     doub N N 131 
DC  C4    N4     sing N N 132 
DC  C4    C5     sing N N 133 
DC  N4    H41    sing N N 134 
DC  N4    H42    sing N N 135 
DC  C5    C6     doub N N 136 
DC  C5    H5     sing N N 137 
DC  C6    H6     sing N N 138 
DG  OP3   P      sing N N 139 
DG  OP3   HOP3   sing N N 140 
DG  P     OP1    doub N N 141 
DG  P     OP2    sing N N 142 
DG  P     "O5'"  sing N N 143 
DG  OP2   HOP2   sing N N 144 
DG  "O5'" "C5'"  sing N N 145 
DG  "C5'" "C4'"  sing N N 146 
DG  "C5'" "H5'"  sing N N 147 
DG  "C5'" "H5''" sing N N 148 
DG  "C4'" "O4'"  sing N N 149 
DG  "C4'" "C3'"  sing N N 150 
DG  "C4'" "H4'"  sing N N 151 
DG  "O4'" "C1'"  sing N N 152 
DG  "C3'" "O3'"  sing N N 153 
DG  "C3'" "C2'"  sing N N 154 
DG  "C3'" "H3'"  sing N N 155 
DG  "O3'" "HO3'" sing N N 156 
DG  "C2'" "C1'"  sing N N 157 
DG  "C2'" "H2'"  sing N N 158 
DG  "C2'" "H2''" sing N N 159 
DG  "C1'" N9     sing N N 160 
DG  "C1'" "H1'"  sing N N 161 
DG  N9    C8     sing Y N 162 
DG  N9    C4     sing Y N 163 
DG  C8    N7     doub Y N 164 
DG  C8    H8     sing N N 165 
DG  N7    C5     sing Y N 166 
DG  C5    C6     sing N N 167 
DG  C5    C4     doub Y N 168 
DG  C6    O6     doub N N 169 
DG  C6    N1     sing N N 170 
DG  N1    C2     sing N N 171 
DG  N1    H1     sing N N 172 
DG  C2    N2     sing N N 173 
DG  C2    N3     doub N N 174 
DG  N2    H21    sing N N 175 
DG  N2    H22    sing N N 176 
DG  N3    C4     sing N N 177 
DT  OP3   P      sing N N 178 
DT  OP3   HOP3   sing N N 179 
DT  P     OP1    doub N N 180 
DT  P     OP2    sing N N 181 
DT  P     "O5'"  sing N N 182 
DT  OP2   HOP2   sing N N 183 
DT  "O5'" "C5'"  sing N N 184 
DT  "C5'" "C4'"  sing N N 185 
DT  "C5'" "H5'"  sing N N 186 
DT  "C5'" "H5''" sing N N 187 
DT  "C4'" "O4'"  sing N N 188 
DT  "C4'" "C3'"  sing N N 189 
DT  "C4'" "H4'"  sing N N 190 
DT  "O4'" "C1'"  sing N N 191 
DT  "C3'" "O3'"  sing N N 192 
DT  "C3'" "C2'"  sing N N 193 
DT  "C3'" "H3'"  sing N N 194 
DT  "O3'" "HO3'" sing N N 195 
DT  "C2'" "C1'"  sing N N 196 
DT  "C2'" "H2'"  sing N N 197 
DT  "C2'" "H2''" sing N N 198 
DT  "C1'" N1     sing N N 199 
DT  "C1'" "H1'"  sing N N 200 
DT  N1    C2     sing N N 201 
DT  N1    C6     sing N N 202 
DT  C2    O2     doub N N 203 
DT  C2    N3     sing N N 204 
DT  N3    C4     sing N N 205 
DT  N3    H3     sing N N 206 
DT  C4    O4     doub N N 207 
DT  C4    C5     sing N N 208 
DT  C5    C7     sing N N 209 
DT  C5    C6     doub N N 210 
DT  C7    H71    sing N N 211 
DT  C7    H72    sing N N 212 
DT  C7    H73    sing N N 213 
DT  C6    H6     sing N N 214 
# 
loop_
_ndb_struct_conf_na.entry_id 
_ndb_struct_conf_na.feature 
1B0S 'double helix'        
1B0S 'b-form double helix' 
# 
loop_
_ndb_struct_na_base_pair.model_number 
_ndb_struct_na_base_pair.i_label_asym_id 
_ndb_struct_na_base_pair.i_label_comp_id 
_ndb_struct_na_base_pair.i_label_seq_id 
_ndb_struct_na_base_pair.i_symmetry 
_ndb_struct_na_base_pair.j_label_asym_id 
_ndb_struct_na_base_pair.j_label_comp_id 
_ndb_struct_na_base_pair.j_label_seq_id 
_ndb_struct_na_base_pair.j_symmetry 
_ndb_struct_na_base_pair.shear 
_ndb_struct_na_base_pair.stretch 
_ndb_struct_na_base_pair.stagger 
_ndb_struct_na_base_pair.buckle 
_ndb_struct_na_base_pair.propeller 
_ndb_struct_na_base_pair.opening 
_ndb_struct_na_base_pair.pair_number 
_ndb_struct_na_base_pair.pair_name 
_ndb_struct_na_base_pair.i_auth_asym_id 
_ndb_struct_na_base_pair.i_auth_seq_id 
_ndb_struct_na_base_pair.i_PDB_ins_code 
_ndb_struct_na_base_pair.j_auth_asym_id 
_ndb_struct_na_base_pair.j_auth_seq_id 
_ndb_struct_na_base_pair.j_PDB_ins_code 
_ndb_struct_na_base_pair.hbond_type_28 
_ndb_struct_na_base_pair.hbond_type_12 
1 A DG 1  1_555 B DC 10 1_555 0.379  -0.205 -0.824 -21.315 14.419  -8.023 1  A_DG1:DC20_B  A 1  ? B 20 ? 19 1 
1 A DA 2  1_555 B DT 9  1_555 -0.034 -0.163 0.112  -0.894  0.646   -0.043 2  A_DA2:DT19_B  A 2  ? B 19 ? 20 1 
1 A DA 3  1_555 B DT 8  1_555 -0.205 -0.349 -0.261 5.318   -25.697 -5.164 3  A_DA3:DT18_B  A 3  ? B 18 ? 20 1 
1 A DC 4  1_555 B DG 7  1_555 0.159  -0.214 0.262  -9.620  -13.372 -5.217 4  A_DC4:DG17_B  A 4  ? B 17 ? 19 1 
1 A DC 5  1_555 B DG 6  1_555 0.462  -0.244 0.187  -2.132  -3.059  -5.092 5  A_DC5:DG16_B  A 5  ? B 16 ? 19 1 
1 A DG 6  1_555 B DC 5  1_555 -0.458 -0.246 0.187  2.171   -3.035  -5.101 6  A_DG6:DC15_B  A 6  ? B 15 ? 19 1 
1 A DG 7  1_555 B DC 4  1_555 -0.156 -0.219 0.260  9.628   -13.390 -5.226 7  A_DG7:DC14_B  A 7  ? B 14 ? 19 1 
1 A DT 8  1_555 B DA 3  1_555 0.202  -0.354 -0.263 -5.299  -25.708 -5.160 8  A_DT8:DA13_B  A 8  ? B 13 ? 20 1 
1 A DT 9  1_555 B DA 2  1_555 0.028  -0.166 0.112  0.892   0.631   -0.036 9  A_DT9:DA12_B  A 9  ? B 12 ? 20 1 
1 A DC 10 1_555 B DG 1  1_555 -0.386 -0.204 -0.824 21.316  14.390  -8.033 10 A_DC10:DG11_B A 10 ? B 11 ? 19 1 
# 
loop_
_ndb_struct_na_base_pair_step.model_number 
_ndb_struct_na_base_pair_step.i_label_asym_id_1 
_ndb_struct_na_base_pair_step.i_label_comp_id_1 
_ndb_struct_na_base_pair_step.i_label_seq_id_1 
_ndb_struct_na_base_pair_step.i_symmetry_1 
_ndb_struct_na_base_pair_step.j_label_asym_id_1 
_ndb_struct_na_base_pair_step.j_label_comp_id_1 
_ndb_struct_na_base_pair_step.j_label_seq_id_1 
_ndb_struct_na_base_pair_step.j_symmetry_1 
_ndb_struct_na_base_pair_step.i_label_asym_id_2 
_ndb_struct_na_base_pair_step.i_label_comp_id_2 
_ndb_struct_na_base_pair_step.i_label_seq_id_2 
_ndb_struct_na_base_pair_step.i_symmetry_2 
_ndb_struct_na_base_pair_step.j_label_asym_id_2 
_ndb_struct_na_base_pair_step.j_label_comp_id_2 
_ndb_struct_na_base_pair_step.j_label_seq_id_2 
_ndb_struct_na_base_pair_step.j_symmetry_2 
_ndb_struct_na_base_pair_step.shift 
_ndb_struct_na_base_pair_step.slide 
_ndb_struct_na_base_pair_step.rise 
_ndb_struct_na_base_pair_step.tilt 
_ndb_struct_na_base_pair_step.roll 
_ndb_struct_na_base_pair_step.twist 
_ndb_struct_na_base_pair_step.x_displacement 
_ndb_struct_na_base_pair_step.y_displacement 
_ndb_struct_na_base_pair_step.helical_rise 
_ndb_struct_na_base_pair_step.inclination 
_ndb_struct_na_base_pair_step.tip 
_ndb_struct_na_base_pair_step.helical_twist 
_ndb_struct_na_base_pair_step.step_number 
_ndb_struct_na_base_pair_step.step_name 
_ndb_struct_na_base_pair_step.i_auth_asym_id_1 
_ndb_struct_na_base_pair_step.i_auth_seq_id_1 
_ndb_struct_na_base_pair_step.i_PDB_ins_code_1 
_ndb_struct_na_base_pair_step.j_auth_asym_id_1 
_ndb_struct_na_base_pair_step.j_auth_seq_id_1 
_ndb_struct_na_base_pair_step.j_PDB_ins_code_1 
_ndb_struct_na_base_pair_step.i_auth_asym_id_2 
_ndb_struct_na_base_pair_step.i_auth_seq_id_2 
_ndb_struct_na_base_pair_step.i_PDB_ins_code_2 
_ndb_struct_na_base_pair_step.j_auth_asym_id_2 
_ndb_struct_na_base_pair_step.j_auth_seq_id_2 
_ndb_struct_na_base_pair_step.j_PDB_ins_code_2 
1 A DG 1 1_555 B DC 10 1_555 A DA 2  1_555 B DT 9 1_555 0.025  -0.659 2.998 -1.360 -0.603  29.567 -1.172 -0.314 3.007 -1.180  
2.663  29.603 1 AA_DG1DA2:DT19DC20_BB  A 1 ? B 20 ? A 2  ? B 19 ? 
1 A DA 2 1_555 B DT 9  1_555 A DA 3  1_555 B DT 8 1_555 0.563  -0.779 3.218 3.487  6.304   29.075 -2.772 -0.390 3.031 12.319  
-6.814 29.935 2 AA_DA2DA3:DT18DT19_BB  A 2 ? B 19 ? A 3  ? B 18 ? 
1 A DA 3 1_555 B DT 8  1_555 A DC 4  1_555 B DG 7 1_555 -1.471 -0.768 3.486 -6.169 5.032   38.079 -1.819 1.395  3.547 7.611   
9.331  38.872 3 AA_DA3DC4:DG17DT18_BB  A 3 ? B 18 ? A 4  ? B 17 ? 
1 A DC 4 1_555 B DG 7  1_555 A DC 5  1_555 B DG 6 1_555 -0.071 0.269  3.104 -1.576 -2.708  29.012 1.092  -0.183 3.067 -5.385  
3.133  29.177 4 AA_DC4DC5:DG16DG17_BB  A 4 ? B 17 ? A 5  ? B 16 ? 
1 A DC 5 1_555 B DG 6  1_555 A DG 6  1_555 B DC 5 1_555 0.000  1.296  3.167 -0.006 -12.638 41.973 2.844  0.000  2.687 -17.182 
0.008  43.752 5 AA_DC5DG6:DC15DG16_BB  A 5 ? B 16 ? A 6  ? B 15 ? 
1 A DG 6 1_555 B DC 5  1_555 A DG 7  1_555 B DC 4 1_555 0.070  0.269  3.105 1.581  -2.702  29.018 1.091  0.186  3.068 -5.373  
-3.144 29.183 6 AA_DG6DG7:DC14DC15_BB  A 6 ? B 15 ? A 7  ? B 14 ? 
1 A DG 7 1_555 B DC 4  1_555 A DT 8  1_555 B DA 3 1_555 1.471  -0.767 3.486 6.174  5.025   38.072 -1.818 -1.395 3.547 7.602   
-9.340 38.865 7 AA_DG7DT8:DA13DC14_BB  A 7 ? B 14 ? A 8  ? B 13 ? 
1 A DT 8 1_555 B DA 3  1_555 A DT 9  1_555 B DA 2 1_555 -0.562 -0.778 3.218 -3.503 6.312   29.081 -2.771 0.386  3.031 12.331  
6.843  29.945 8 AA_DT8DT9:DA12DA13_BB  A 8 ? B 13 ? A 9  ? B 12 ? 
1 A DT 9 1_555 B DA 2  1_555 A DC 10 1_555 B DG 1 1_555 -0.026 -0.659 2.998 1.363  -0.608  29.555 -1.172 0.315  3.007 -1.190  
-2.669 29.591 9 AA_DT9DC10:DG11DA12_BB A 9 ? B 12 ? A 10 ? B 11 ? 
# 
loop_
_pdbx_nmr_spectrometer.spectrometer_id 
_pdbx_nmr_spectrometer.model 
_pdbx_nmr_spectrometer.manufacturer 
_pdbx_nmr_spectrometer.field_strength 
_pdbx_nmr_spectrometer.type 
1 'UNITY 750' Varian 750 ? 
2 'VXR 500'   Varian 500 ? 
# 
_atom_sites.entry_id                    1B0S 
_atom_sites.fract_transf_matrix[1][1]   1.000000 
_atom_sites.fract_transf_matrix[1][2]   0.000000 
_atom_sites.fract_transf_matrix[1][3]   0.000000 
_atom_sites.fract_transf_matrix[2][1]   0.000000 
_atom_sites.fract_transf_matrix[2][2]   1.000000 
_atom_sites.fract_transf_matrix[2][3]   0.000000 
_atom_sites.fract_transf_matrix[3][1]   0.000000 
_atom_sites.fract_transf_matrix[3][2]   0.000000 
_atom_sites.fract_transf_matrix[3][3]   1.000000 
_atom_sites.fract_transf_vector[1]      0.00000 
_atom_sites.fract_transf_vector[2]      0.00000 
_atom_sites.fract_transf_vector[3]      0.00000 
# 
loop_
_atom_type.symbol 
C 
H 
N 
O 
P 
# 
loop_
_atom_site.group_PDB 
_atom_site.id 
_atom_site.type_symbol 
_atom_site.label_atom_id 
_atom_site.label_alt_id 
_atom_site.label_comp_id 
_atom_site.label_asym_id 
_atom_site.label_entity_id 
_atom_site.label_seq_id 
_atom_site.pdbx_PDB_ins_code 
_atom_site.Cartn_x 
_atom_site.Cartn_y 
_atom_site.Cartn_z 
_atom_site.occupancy 
_atom_site.B_iso_or_equiv 
_atom_site.pdbx_formal_charge 
_atom_site.auth_seq_id 
_atom_site.auth_comp_id 
_atom_site.auth_asym_id 
_atom_site.auth_atom_id 
_atom_site.pdbx_PDB_model_num 
ATOM   1   O "O5'"  . DG  A 1 1  ? -5.793  -21.161 -6.733  1.00 1.43 ? 1  DG  A "O5'"  1 
ATOM   2   C "C5'"  . DG  A 1 1  ? -6.621  -20.083 -6.316  1.00 1.19 ? 1  DG  A "C5'"  1 
ATOM   3   C "C4'"  . DG  A 1 1  ? -5.938  -19.373 -5.134  1.00 0.88 ? 1  DG  A "C4'"  1 
ATOM   4   O "O4'"  . DG  A 1 1  ? -4.618  -18.924 -5.524  1.00 0.79 ? 1  DG  A "O4'"  1 
ATOM   5   C "C3'"  . DG  A 1 1  ? -6.671  -18.159 -4.543  1.00 0.74 ? 1  DG  A "C3'"  1 
ATOM   6   O "O3'"  . DG  A 1 1  ? -7.179  -18.538 -3.255  1.00 0.75 ? 1  DG  A "O3'"  1 
ATOM   7   C "C2'"  . DG  A 1 1  ? -5.566  -17.079 -4.546  1.00 0.67 ? 1  DG  A "C2'"  1 
ATOM   8   C "C1'"  . DG  A 1 1  ? -4.235  -17.814 -4.691  1.00 0.61 ? 1  DG  A "C1'"  1 
ATOM   9   N N9     . DG  A 1 1  ? -3.191  -16.988 -5.331  1.00 0.60 ? 1  DG  A N9     1 
ATOM   10  C C8     . DG  A 1 1  ? -3.086  -16.557 -6.622  1.00 0.77 ? 1  DG  A C8     1 
ATOM   11  N N7     . DG  A 1 1  ? -1.993  -15.890 -6.882  1.00 0.77 ? 1  DG  A N7     1 
ATOM   12  C C5     . DG  A 1 1  ? -1.330  -15.854 -5.654  1.00 0.59 ? 1  DG  A C5     1 
ATOM   13  C C6     . DG  A 1 1  ? -0.079  -15.265 -5.292  1.00 0.56 ? 1  DG  A C6     1 
ATOM   14  O O6     . DG  A 1 1  ? 0.718   -14.624 -5.983  1.00 0.66 ? 1  DG  A O6     1 
ATOM   15  N N1     . DG  A 1 1  ? 0.208   -15.489 -3.952  1.00 0.53 ? 1  DG  A N1     1 
ATOM   16  C C2     . DG  A 1 1  ? -0.602  -16.148 -3.056  1.00 0.58 ? 1  DG  A C2     1 
ATOM   17  N N2     . DG  A 1 1  ? -0.157  -16.241 -1.801  1.00 0.75 ? 1  DG  A N2     1 
ATOM   18  N N3     . DG  A 1 1  ? -1.783  -16.678 -3.387  1.00 0.55 ? 1  DG  A N3     1 
ATOM   19  C C4     . DG  A 1 1  ? -2.070  -16.507 -4.700  1.00 0.52 ? 1  DG  A C4     1 
ATOM   20  H "H5'"  . DG  A 1 1  ? -7.589  -20.509 -6.035  1.00 1.27 ? 1  DG  A "H5'"  1 
ATOM   21  H "H5''" . DG  A 1 1  ? -6.760  -19.435 -7.189  1.00 1.27 ? 1  DG  A "H5''" 1 
ATOM   22  H "H4'"  . DG  A 1 1  ? -5.859  -20.087 -4.303  1.00 0.95 ? 1  DG  A "H4'"  1 
ATOM   23  H "H3'"  . DG  A 1 1  ? -7.535  -17.810 -5.112  1.00 0.87 ? 1  DG  A "H3'"  1 
ATOM   24  H "H2'"  . DG  A 1 1  ? -5.701  -16.416 -5.400  1.00 0.81 ? 1  DG  A "H2'"  1 
ATOM   25  H "H2''" . DG  A 1 1  ? -5.591  -16.437 -3.679  1.00 0.71 ? 1  DG  A "H2''" 1 
ATOM   26  H "H1'"  . DG  A 1 1  ? -3.761  -18.104 -3.746  1.00 0.64 ? 1  DG  A "H1'"  1 
ATOM   27  H H8     . DG  A 1 1  ? -3.863  -16.768 -7.354  1.00 0.92 ? 1  DG  A H8     1 
ATOM   28  H H1     . DG  A 1 1  ? 1.090   -15.144 -3.609  1.00 0.58 ? 1  DG  A H1     1 
ATOM   29  H H21    . DG  A 1 1  ? 0.803   -16.002 -1.577  1.00 0.82 ? 1  DG  A H21    1 
ATOM   30  H H22    . DG  A 1 1  ? -0.778  -16.614 -1.099  1.00 0.88 ? 1  DG  A H22    1 
ATOM   31  H "HO5'" . DG  A 1 1  ? -4.932  -20.787 -6.942  1.00 1.64 ? 1  DG  A "HO5'" 1 
ATOM   32  P P      . DA  A 1 2  ? -7.695  -17.451 -2.189  1.00 0.88 ? 2  DA  A P      1 
ATOM   33  O OP1    . DA  A 1 2  ? -8.519  -18.115 -1.154  1.00 1.14 ? 2  DA  A OP1    1 
ATOM   34  O OP2    . DA  A 1 2  ? -8.223  -16.280 -2.928  1.00 1.05 ? 2  DA  A OP2    1 
ATOM   35  O "O5'"  . DA  A 1 2  ? -6.303  -17.057 -1.518  1.00 0.71 ? 2  DA  A "O5'"  1 
ATOM   36  C "C5'"  . DA  A 1 2  ? -5.657  -17.997 -0.650  1.00 0.66 ? 2  DA  A "C5'"  1 
ATOM   37  C "C4'"  . DA  A 1 2  ? -4.725  -17.289 0.313   1.00 0.54 ? 2  DA  A "C4'"  1 
ATOM   38  O "O4'"  . DA  A 1 2  ? -3.698  -16.549 -0.376  1.00 0.53 ? 2  DA  A "O4'"  1 
ATOM   39  C "C3'"  . DA  A 1 2  ? -5.485  -16.309 1.202   1.00 0.53 ? 2  DA  A "C3'"  1 
ATOM   40  O "O3'"  . DA  A 1 2  ? -5.086  -16.536 2.554   1.00 0.53 ? 2  DA  A "O3'"  1 
ATOM   41  C "C2'"  . DA  A 1 2  ? -5.110  -14.955 0.610   1.00 0.51 ? 2  DA  A "C2'"  1 
ATOM   42  C "C1'"  . DA  A 1 2  ? -3.710  -15.183 0.077   1.00 0.50 ? 2  DA  A "C1'"  1 
ATOM   43  N N9     . DA  A 1 2  ? -3.358  -14.329 -1.068  1.00 0.48 ? 2  DA  A N9     1 
ATOM   44  C C8     . DA  A 1 2  ? -4.066  -14.026 -2.201  1.00 0.57 ? 2  DA  A C8     1 
ATOM   45  N N7     . DA  A 1 2  ? -3.411  -13.312 -3.070  1.00 0.55 ? 2  DA  A N7     1 
ATOM   46  C C5     . DA  A 1 2  ? -2.184  -13.098 -2.444  1.00 0.45 ? 2  DA  A C5     1 
ATOM   47  C C6     . DA  A 1 2  ? -1.024  -12.418 -2.830  1.00 0.47 ? 2  DA  A C6     1 
ATOM   48  N N6     . DA  A 1 2  ? -0.893  -11.799 -4.003  1.00 0.53 ? 2  DA  A N6     1 
ATOM   49  N N1     . DA  A 1 2  ? -0.005  -12.401 -1.957  1.00 0.51 ? 2  DA  A N1     1 
ATOM   50  C C2     . DA  A 1 2  ? -0.130  -12.996 -0.774  1.00 0.49 ? 2  DA  A C2     1 
ATOM   51  N N3     . DA  A 1 2  ? -1.160  -13.679 -0.311  1.00 0.43 ? 2  DA  A N3     1 
ATOM   52  C C4     . DA  A 1 2  ? -2.164  -13.688 -1.212  1.00 0.42 ? 2  DA  A C4     1 
ATOM   53  H "H5'"  . DA  A 1 2  ? -5.089  -18.733 -1.210  1.00 0.72 ? 2  DA  A "H5'"  1 
ATOM   54  H "H5''" . DA  A 1 2  ? -6.413  -18.548 -0.094  1.00 0.75 ? 2  DA  A "H5''" 1 
ATOM   55  H "H4'"  . DA  A 1 2  ? -4.245  -18.025 0.959   1.00 0.59 ? 2  DA  A "H4'"  1 
ATOM   56  H "H3'"  . DA  A 1 2  ? -6.559  -16.496 1.150   1.00 0.59 ? 2  DA  A "H3'"  1 
ATOM   57  H "H2'"  . DA  A 1 2  ? -5.799  -14.724 -0.202  1.00 0.54 ? 2  DA  A "H2'"  1 
ATOM   58  H "H2''" . DA  A 1 2  ? -5.128  -14.124 1.316   1.00 0.54 ? 2  DA  A "H2''" 1 
ATOM   59  H "H1'"  . DA  A 1 2  ? -2.976  -15.018 0.864   1.00 0.51 ? 2  DA  A "H1'"  1 
ATOM   60  H H8     . DA  A 1 2  ? -5.089  -14.350 -2.361  1.00 0.69 ? 2  DA  A H8     1 
ATOM   61  H H61    . DA  A 1 2  ? -0.041  -11.299 -4.218  1.00 0.47 ? 2  DA  A H61    1 
ATOM   62  H H62    . DA  A 1 2  ? -1.647  -11.814 -4.674  1.00 0.62 ? 2  DA  A H62    1 
ATOM   63  H H2     . DA  A 1 2  ? 0.705   -12.918 -0.075  1.00 0.59 ? 2  DA  A H2     1 
ATOM   64  P P      . DA  A 1 3  ? -5.709  -15.678 3.754   1.00 0.58 ? 3  DA  A P      1 
ATOM   65  O OP1    . DA  A 1 3  ? -5.532  -16.429 5.017   1.00 0.66 ? 3  DA  A OP1    1 
ATOM   66  O OP2    . DA  A 1 3  ? -7.054  -15.203 3.350   1.00 0.73 ? 3  DA  A OP2    1 
ATOM   67  O "O5'"  . DA  A 1 3  ? -4.704  -14.421 3.750   1.00 0.52 ? 3  DA  A "O5'"  1 
ATOM   68  C "C5'"  . DA  A 1 3  ? -3.322  -14.557 4.121   1.00 0.49 ? 3  DA  A "C5'"  1 
ATOM   69  C "C4'"  . DA  A 1 3  ? -2.542  -13.270 3.859   1.00 0.49 ? 3  DA  A "C4'"  1 
ATOM   70  O "O4'"  . DA  A 1 3  ? -2.516  -12.916 2.453   1.00 0.53 ? 3  DA  A "O4'"  1 
ATOM   71  C "C3'"  . DA  A 1 3  ? -3.165  -12.090 4.617   1.00 0.51 ? 3  DA  A "C3'"  1 
ATOM   72  O "O3'"  . DA  A 1 3  ? -2.303  -11.639 5.676   1.00 0.76 ? 3  DA  A "O3'"  1 
ATOM   73  C "C2'"  . DA  A 1 3  ? -3.444  -11.114 3.475   1.00 0.50 ? 3  DA  A "C2'"  1 
ATOM   74  C "C1'"  . DA  A 1 3  ? -2.457  -11.485 2.390   1.00 0.49 ? 3  DA  A "C1'"  1 
ATOM   75  N N9     . DA  A 1 3  ? -2.727  -10.924 1.043   1.00 0.43 ? 3  DA  A N9     1 
ATOM   76  C C8     . DA  A 1 3  ? -3.875  -10.819 0.297   1.00 0.44 ? 3  DA  A C8     1 
ATOM   77  N N7     . DA  A 1 3  ? -3.725  -10.204 -0.851  1.00 0.45 ? 3  DA  A N7     1 
ATOM   78  C C5     . DA  A 1 3  ? -2.366  -9.913  -0.883  1.00 0.47 ? 3  DA  A C5     1 
ATOM   79  C C6     . DA  A 1 3  ? -1.539  -9.265  -1.815  1.00 0.62 ? 3  DA  A C6     1 
ATOM   80  N N6     . DA  A 1 3  ? -1.886  -8.730  -2.985  1.00 0.71 ? 3  DA  A N6     1 
ATOM   81  N N1     . DA  A 1 3  ? -0.249  -9.176  -1.504  1.00 0.77 ? 3  DA  A N1     1 
ATOM   82  C C2     . DA  A 1 3  ? 0.212   -9.672  -0.376  1.00 0.78 ? 3  DA  A C2     1 
ATOM   83  N N3     . DA  A 1 3  ? -0.457  -10.252 0.598   1.00 0.65 ? 3  DA  A N3     1 
ATOM   84  C C4     . DA  A 1 3  ? -1.760  -10.355 0.263   1.00 0.48 ? 3  DA  A C4     1 
ATOM   85  H "H5'"  . DA  A 1 3  ? -2.855  -15.371 3.568   1.00 0.56 ? 3  DA  A "H5'"  1 
ATOM   86  H "H5''" . DA  A 1 3  ? -3.264  -14.780 5.187   1.00 0.53 ? 3  DA  A "H5''" 1 
ATOM   87  H "H4'"  . DA  A 1 3  ? -1.523  -13.390 4.235   1.00 0.57 ? 3  DA  A "H4'"  1 
ATOM   88  H "H3'"  . DA  A 1 3  ? -4.096  -12.417 5.076   1.00 0.49 ? 3  DA  A "H3'"  1 
ATOM   89  H "H2'"  . DA  A 1 3  ? -4.455  -11.302 3.109   1.00 0.47 ? 3  DA  A "H2'"  1 
ATOM   90  H "H2''" . DA  A 1 3  ? -3.332  -10.078 3.769   1.00 0.68 ? 3  DA  A "H2''" 1 
ATOM   91  H "H1'"  . DA  A 1 3  ? -1.470  -11.101 2.654   1.00 0.59 ? 3  DA  A "H1'"  1 
ATOM   92  H H8     . DA  A 1 3  ? -4.825  -11.224 0.639   1.00 0.53 ? 3  DA  A H8     1 
ATOM   93  H H61    . DA  A 1 3  ? -1.220  -8.138  -3.459  1.00 1.40 ? 3  DA  A H61    1 
ATOM   94  H H62    . DA  A 1 3  ? -2.650  -9.017  -3.563  1.00 0.55 ? 3  DA  A H62    1 
ATOM   95  H H2     . DA  A 1 3  ? 1.283   -9.589  -0.274  1.00 0.95 ? 3  DA  A H2     1 
ATOM   96  P P      . DC  A 1 4  ? -2.366  -10.201 6.422   1.00 0.56 ? 4  DC  A P      1 
ATOM   97  O OP1    . DC  A 1 4  ? -1.996  -10.375 7.845   1.00 1.14 ? 4  DC  A OP1    1 
ATOM   98  O OP2    . DC  A 1 4  ? -3.624  -9.511  6.055   1.00 1.04 ? 4  DC  A OP2    1 
ATOM   99  O "O5'"  . DC  A 1 4  ? -1.153  -9.454  5.664   1.00 0.52 ? 4  DC  A "O5'"  1 
ATOM   100 C "C5'"  . DC  A 1 4  ? 0.126   -10.098 5.703   1.00 0.41 ? 4  DC  A "C5'"  1 
ATOM   101 C "C4'"  . DC  A 1 4  ? 1.311   -9.198  5.591   1.00 0.33 ? 4  DC  A "C4'"  1 
ATOM   102 O "O4'"  . DC  A 1 4  ? 1.472   -8.620  4.293   1.00 0.34 ? 4  DC  A "O4'"  1 
ATOM   103 C "C3'"  . DC  A 1 4  ? 1.281   -8.111  6.621   1.00 0.40 ? 4  DC  A "C3'"  1 
ATOM   104 O "O3'"  . DC  A 1 4  ? 2.609   -7.872  7.100   1.00 0.59 ? 4  DC  A "O3'"  1 
ATOM   105 C "C2'"  . DC  A 1 4  ? 0.588   -7.045  5.787   1.00 0.34 ? 4  DC  A "C2'"  1 
ATOM   106 C "C1'"  . DC  A 1 4  ? 1.016   -7.263  4.333   1.00 0.30 ? 4  DC  A "C1'"  1 
ATOM   107 N N1     . DC  A 1 4  ? 0.004   -7.036  3.263   1.00 0.29 ? 4  DC  A N1     1 
ATOM   108 C C2     . DC  A 1 4  ? 0.346   -6.239  2.165   1.00 0.31 ? 4  DC  A C2     1 
ATOM   109 O O2     . DC  A 1 4  ? 1.415   -5.638  2.108   1.00 0.32 ? 4  DC  A O2     1 
ATOM   110 N N3     . DC  A 1 4  ? -0.534  -6.122  1.139   1.00 0.35 ? 4  DC  A N3     1 
ATOM   111 C C4     . DC  A 1 4  ? -1.732  -6.719  1.174   1.00 0.38 ? 4  DC  A C4     1 
ATOM   112 N N4     . DC  A 1 4  ? -2.570  -6.618  0.145   1.00 0.47 ? 4  DC  A N4     1 
ATOM   113 C C5     . DC  A 1 4  ? -2.137  -7.477  2.312   1.00 0.36 ? 4  DC  A C5     1 
ATOM   114 C C6     . DC  A 1 4  ? -1.227  -7.613  3.342   1.00 0.31 ? 4  DC  A C6     1 
ATOM   115 H "H5'"  . DC  A 1 4  ? 0.196   -10.804 4.890   1.00 0.51 ? 4  DC  A "H5'"  1 
ATOM   116 H "H5''" . DC  A 1 4  ? 0.275   -10.564 6.666   1.00 0.45 ? 4  DC  A "H5''" 1 
ATOM   117 H "H4'"  . DC  A 1 4  ? 2.172   -9.807  5.837   1.00 0.38 ? 4  DC  A "H4'"  1 
ATOM   118 H "H3'"  . DC  A 1 4  ? 0.688   -8.430  7.483   1.00 0.49 ? 4  DC  A "H3'"  1 
ATOM   119 H "H2'"  . DC  A 1 4  ? -0.471  -7.241  5.891   1.00 0.35 ? 4  DC  A "H2'"  1 
ATOM   120 H "H2''" . DC  A 1 4  ? 0.809   -6.048  6.123   1.00 0.38 ? 4  DC  A "H2''" 1 
ATOM   121 H "H1'"  . DC  A 1 4  ? 1.813   -6.580  4.117   1.00 0.33 ? 4  DC  A "H1'"  1 
ATOM   122 H H41    . DC  A 1 4  ? -2.259  -6.180  -0.710  1.00 0.41 ? 4  DC  A H41    1 
ATOM   123 H H42    . DC  A 1 4  ? -3.487  -7.038  0.200   1.00 0.57 ? 4  DC  A H42    1 
ATOM   124 H H5     . DC  A 1 4  ? -3.109  -7.913  2.348   1.00 0.41 ? 4  DC  A H5     1 
ATOM   125 H H6     . DC  A 1 4  ? -1.488  -8.177  4.215   1.00 0.31 ? 4  DC  A H6     1 
ATOM   126 P P      . DC  A 1 5  ? 2.879   -6.910  8.363   1.00 0.81 ? 5  DC  A P      1 
ATOM   127 O OP1    . DC  A 1 5  ? 4.269   -7.094  8.838   1.00 1.14 ? 5  DC  A OP1    1 
ATOM   128 O OP2    . DC  A 1 5  ? 1.739   -6.980  9.307   1.00 0.97 ? 5  DC  A OP2    1 
ATOM   129 O "O5'"  . DC  A 1 5  ? 2.826   -5.532  7.558   1.00 0.59 ? 5  DC  A "O5'"  1 
ATOM   130 C "C5'"  . DC  A 1 5  ? 3.932   -5.272  6.684   1.00 0.52 ? 5  DC  A "C5'"  1 
ATOM   131 C "C4'"  . DC  A 1 5  ? 3.737   -4.011  5.865   1.00 0.36 ? 5  DC  A "C4'"  1 
ATOM   132 O "O4'"  . DC  A 1 5  ? 2.685   -4.168  4.872   1.00 0.34 ? 5  DC  A "O4'"  1 
ATOM   133 C "C3'"  . DC  A 1 5  ? 3.351   -2.841  6.767   1.00 0.32 ? 5  DC  A "C3'"  1 
ATOM   134 O "O3'"  . DC  A 1 5  ? 4.027   -1.617  6.436   1.00 0.32 ? 5  DC  A "O3'"  1 
ATOM   135 C "C2'"  . DC  A 1 5  ? 1.879   -2.795  6.452   1.00 0.35 ? 5  DC  A "C2'"  1 
ATOM   136 C "C1'"  . DC  A 1 5  ? 1.808   -3.032  4.958   1.00 0.32 ? 5  DC  A "C1'"  1 
ATOM   137 N N1     . DC  A 1 5  ? 0.444   -3.258  4.373   1.00 0.36 ? 5  DC  A N1     1 
ATOM   138 C C2     . DC  A 1 5  ? 0.173   -2.768  3.083   1.00 0.40 ? 5  DC  A C2     1 
ATOM   139 O O2     . DC  A 1 5  ? 0.957   -2.052  2.464   1.00 0.43 ? 5  DC  A O2     1 
ATOM   140 N N3     . DC  A 1 5  ? -1.011  -3.078  2.494   1.00 0.41 ? 5  DC  A N3     1 
ATOM   141 C C4     . DC  A 1 5  ? -1.934  -3.816  3.130   1.00 0.42 ? 5  DC  A C4     1 
ATOM   142 N N4     . DC  A 1 5  ? -3.087  -4.099  2.526   1.00 0.45 ? 5  DC  A N4     1 
ATOM   143 C C5     . DC  A 1 5  ? -1.711  -4.304  4.453   1.00 0.40 ? 5  DC  A C5     1 
ATOM   144 C C6     . DC  A 1 5  ? -0.522  -3.947  5.064   1.00 0.37 ? 5  DC  A C6     1 
ATOM   145 H "H5'"  . DC  A 1 5  ? 4.055   -6.127  6.020   1.00 0.58 ? 5  DC  A "H5'"  1 
ATOM   146 H "H5''" . DC  A 1 5  ? 4.826   -5.176  7.298   1.00 0.59 ? 5  DC  A "H5''" 1 
ATOM   147 H "H4'"  . DC  A 1 5  ? 4.697   -3.733  5.423   1.00 0.41 ? 5  DC  A "H4'"  1 
ATOM   148 H "H3'"  . DC  A 1 5  ? 3.544   -3.116  7.808   1.00 0.38 ? 5  DC  A "H3'"  1 
ATOM   149 H "H2'"  . DC  A 1 5  ? 1.443   -3.646  6.969   1.00 0.41 ? 5  DC  A "H2'"  1 
ATOM   150 H "H2''" . DC  A 1 5  ? 1.389   -1.881  6.745   1.00 0.38 ? 5  DC  A "H2''" 1 
ATOM   151 H "H1'"  . DC  A 1 5  ? 2.284   -2.199  4.440   1.00 0.31 ? 5  DC  A "H1'"  1 
ATOM   152 H H41    . DC  A 1 5  ? -3.219  -3.808  1.568   1.00 0.44 ? 5  DC  A H41    1 
ATOM   153 H H42    . DC  A 1 5  ? -3.809  -4.621  3.009   1.00 0.48 ? 5  DC  A H42    1 
ATOM   154 H H5     . DC  A 1 5  ? -2.436  -4.931  4.937   1.00 0.43 ? 5  DC  A H5     1 
ATOM   155 H H6     . DC  A 1 5  ? -0.391  -4.211  6.096   1.00 0.37 ? 5  DC  A H6     1 
ATOM   156 P P      . DG  A 1 6  ? 5.587   -1.398  6.801   1.00 0.43 ? 6  DG  A P      1 
ATOM   157 O OP1    . DG  A 1 6  ? 6.365   -2.333  5.954   1.00 0.70 ? 6  DG  A OP1    1 
ATOM   158 O OP2    . DG  A 1 6  ? 5.714   -1.489  8.275   1.00 0.69 ? 6  DG  A OP2    1 
ATOM   159 O "O5'"  . DG  A 1 6  ? 5.866   0.138   6.343   1.00 0.35 ? 6  DG  A "O5'"  1 
ATOM   160 C "C5'"  . DG  A 1 6  ? 6.570   0.521   5.144   1.00 0.38 ? 6  DG  A "C5'"  1 
ATOM   161 C "C4'"  . DG  A 1 6  ? 5.758   1.353   4.156   1.00 0.41 ? 6  DG  A "C4'"  1 
ATOM   162 O "O4'"  . DG  A 1 6  ? 4.538   0.667   3.849   1.00 0.39 ? 6  DG  A "O4'"  1 
ATOM   163 C "C3'"  . DG  A 1 6  ? 5.370   2.693   4.745   1.00 0.43 ? 6  DG  A "C3'"  1 
ATOM   164 O "O3'"  . DG  A 1 6  ? 6.380   3.669   4.401   1.00 0.59 ? 6  DG  A "O3'"  1 
ATOM   165 C "C2'"  . DG  A 1 6  ? 3.987   2.917   4.135   1.00 0.45 ? 6  DG  A "C2'"  1 
ATOM   166 C "C1'"  . DG  A 1 6  ? 3.573   1.638   3.419   1.00 0.40 ? 6  DG  A "C1'"  1 
ATOM   167 N N9     . DG  A 1 6  ? 2.238   1.184   3.842   1.00 0.37 ? 6  DG  A N9     1 
ATOM   168 C C8     . DG  A 1 6  ? 1.852   0.802   5.097   1.00 0.39 ? 6  DG  A C8     1 
ATOM   169 N N7     . DG  A 1 6  ? 0.616   0.421   5.184   1.00 0.40 ? 6  DG  A N7     1 
ATOM   170 C C5     . DG  A 1 6  ? 0.140   0.565   3.886   1.00 0.37 ? 6  DG  A C5     1 
ATOM   171 C C6     . DG  A 1 6  ? -1.144  0.289   3.373   1.00 0.39 ? 6  DG  A C6     1 
ATOM   172 O O6     . DG  A 1 6  ? -2.112  -0.152  3.983   1.00 0.45 ? 6  DG  A O6     1 
ATOM   173 N N1     . DG  A 1 6  ? -1.233  0.577   2.021   1.00 0.37 ? 6  DG  A N1     1 
ATOM   174 C C2     . DG  A 1 6  ? -0.210  1.079   1.251   1.00 0.36 ? 6  DG  A C2     1 
ATOM   175 N N2     . DG  A 1 6  ? -0.543  1.365   -0.008  1.00 0.42 ? 6  DG  A N2     1 
ATOM   176 N N3     . DG  A 1 6  ? 1.027   1.295   1.714   1.00 0.36 ? 6  DG  A N3     1 
ATOM   177 C C4     . DG  A 1 6  ? 1.119   1.037   3.048   1.00 0.36 ? 6  DG  A C4     1 
ATOM   178 H "H5'"  . DG  A 1 6  ? 6.915   -0.361  4.623   1.00 0.44 ? 6  DG  A "H5'"  1 
ATOM   179 H "H5''" . DG  A 1 6  ? 7.414   1.142   5.425   1.00 0.42 ? 6  DG  A "H5''" 1 
ATOM   180 H "H4'"  . DG  A 1 6  ? 6.356   1.567   3.269   1.00 0.46 ? 6  DG  A "H4'"  1 
ATOM   181 H "H3'"  . DG  A 1 6  ? 5.287   2.549   5.819   1.00 0.44 ? 6  DG  A "H3'"  1 
ATOM   182 H "H2'"  . DG  A 1 6  ? 3.286   3.104   4.946   1.00 0.51 ? 6  DG  A "H2'"  1 
ATOM   183 H "H2''" . DG  A 1 6  ? 3.936   3.742   3.434   1.00 0.55 ? 6  DG  A "H2''" 1 
ATOM   184 H "H1'"  . DG  A 1 6  ? 3.544   1.792   2.341   1.00 0.44 ? 6  DG  A "H1'"  1 
ATOM   185 H H8     . DG  A 1 6  ? 2.541   0.829   5.942   1.00 0.42 ? 6  DG  A H8     1 
ATOM   186 H H1     . DG  A 1 6  ? -2.121  0.406   1.568   1.00 0.39 ? 6  DG  A H1     1 
ATOM   187 H H21    . DG  A 1 6  ? -1.477  1.142   -0.345  1.00 0.60 ? 6  DG  A H21    1 
ATOM   188 H H22    . DG  A 1 6  ? 0.130   1.832   -0.595  1.00 1.19 ? 6  DG  A H22    1 
ATOM   189 P P      . DG  A 1 7  ? 6.332   5.266   4.687   1.00 0.65 ? 7  DG  A P      1 
ATOM   190 O OP1    . DG  A 1 7  ? 7.717   5.791   4.677   1.00 0.86 ? 7  DG  A OP1    1 
ATOM   191 O OP2    . DG  A 1 7  ? 5.453   5.510   5.852   1.00 0.87 ? 7  DG  A OP2    1 
ATOM   192 O "O5'"  . DG  A 1 7  ? 5.570   5.782   3.381   1.00 0.43 ? 7  DG  A "O5'"  1 
ATOM   193 C "C5'"  . DG  A 1 7  ? 5.980   5.417   2.057   1.00 0.35 ? 7  DG  A "C5'"  1 
ATOM   194 C "C4'"  . DG  A 1 7  ? 4.770   5.532   1.124   1.00 0.32 ? 7  DG  A "C4'"  1 
ATOM   195 O "O4'"  . DG  A 1 7  ? 3.705   4.627   1.516   1.00 0.33 ? 7  DG  A "O4'"  1 
ATOM   196 C "C3'"  . DG  A 1 7  ? 4.188   6.943   1.067   1.00 0.36 ? 7  DG  A "C3'"  1 
ATOM   197 O "O3'"  . DG  A 1 7  ? 4.074   7.493   -0.249  1.00 0.40 ? 7  DG  A "O3'"  1 
ATOM   198 C "C2'"  . DG  A 1 7  ? 2.890   6.734   1.772   1.00 0.30 ? 7  DG  A "C2'"  1 
ATOM   199 C "C1'"  . DG  A 1 7  ? 2.448   5.329   1.506   1.00 0.29 ? 7  DG  A "C1'"  1 
ATOM   200 N N9     . DG  A 1 7  ? 1.505   4.903   2.565   1.00 0.28 ? 7  DG  A N9     1 
ATOM   201 C C8     . DG  A 1 7  ? 1.690   4.909   3.920   1.00 0.29 ? 7  DG  A C8     1 
ATOM   202 N N7     . DG  A 1 7  ? 0.696   4.453   4.610   1.00 0.28 ? 7  DG  A N7     1 
ATOM   203 C C5     . DG  A 1 7  ? -0.247  4.148   3.642   1.00 0.25 ? 7  DG  A C5     1 
ATOM   204 C C6     . DG  A 1 7  ? -1.543  3.621   3.803   1.00 0.24 ? 7  DG  A C6     1 
ATOM   205 O O6     . DG  A 1 7  ? -2.083  3.288   4.849   1.00 0.27 ? 7  DG  A O6     1 
ATOM   206 N N1     . DG  A 1 7  ? -2.198  3.494   2.592   1.00 0.24 ? 7  DG  A N1     1 
ATOM   207 C C2     . DG  A 1 7  ? -1.666  3.802   1.365   1.00 0.27 ? 7  DG  A C2     1 
ATOM   208 N N2     . DG  A 1 7  ? -2.502  3.640   0.340   1.00 0.33 ? 7  DG  A N2     1 
ATOM   209 N N3     . DG  A 1 7  ? -0.412  4.243   1.199   1.00 0.28 ? 7  DG  A N3     1 
ATOM   210 C C4     . DG  A 1 7  ? 0.230   4.415   2.383   1.00 0.26 ? 7  DG  A C4     1 
ATOM   211 H "H5'"  . DG  A 1 7  ? 6.377   4.395   2.044   1.00 0.38 ? 7  DG  A "H5'"  1 
ATOM   212 H "H5''" . DG  A 1 7  ? 6.788   6.070   1.720   1.00 0.39 ? 7  DG  A "H5''" 1 
ATOM   213 H "H4'"  . DG  A 1 7  ? 5.065   5.334   0.113   1.00 0.33 ? 7  DG  A "H4'"  1 
ATOM   214 H "H3'"  . DG  A 1 7  ? 4.778   7.651   1.652   1.00 0.45 ? 7  DG  A "H3'"  1 
ATOM   215 H "H2'"  . DG  A 1 7  ? 3.233   6.714   2.793   1.00 0.31 ? 7  DG  A "H2'"  1 
ATOM   216 H "H2''" . DG  A 1 7  ? 2.102   7.460   1.570   1.00 0.29 ? 7  DG  A "H2''" 1 
ATOM   217 H "H1'"  . DG  A 1 7  ? 1.920   5.284   0.564   1.00 0.29 ? 7  DG  A "H1'"  1 
ATOM   218 H H8     . DG  A 1 7  ? 2.594   5.284   4.390   1.00 0.34 ? 7  DG  A H8     1 
ATOM   219 H H1     . DG  A 1 7  ? -3.148  3.157   2.617   1.00 0.25 ? 7  DG  A H1     1 
ATOM   220 H H21    . DG  A 1 7  ? -3.476  3.452   0.548   1.00 0.30 ? 7  DG  A H21    1 
ATOM   221 H H22    . DG  A 1 7  ? -2.195  3.798   -0.609  1.00 0.45 ? 7  DG  A H22    1 
ATOM   222 P P      . DT  A 1 8  ? 3.931   9.100   -0.383  1.00 0.46 ? 8  DT  A P      1 
ATOM   223 O OP1    . DT  A 1 8  ? 4.320   9.488   -1.758  1.00 0.52 ? 8  DT  A OP1    1 
ATOM   224 O OP2    . DT  A 1 8  ? 4.603   9.715   0.786   1.00 0.51 ? 8  DT  A OP2    1 
ATOM   225 O "O5'"  . DT  A 1 8  ? 2.339   9.271   -0.204  1.00 0.42 ? 8  DT  A "O5'"  1 
ATOM   226 C "C5'"  . DT  A 1 8  ? 1.521   8.540   -1.118  1.00 0.36 ? 8  DT  A "C5'"  1 
ATOM   227 C "C4'"  . DT  A 1 8  ? 0.170   8.141   -0.609  1.00 0.31 ? 8  DT  A "C4'"  1 
ATOM   228 O "O4'"  . DT  A 1 8  ? 0.251   7.387   0.591   1.00 0.29 ? 8  DT  A "O4'"  1 
ATOM   229 C "C3'"  . DT  A 1 8  ? -0.820  9.233   -0.347  1.00 0.32 ? 8  DT  A "C3'"  1 
ATOM   230 O "O3'"  . DT  A 1 8  ? -1.334  9.716   -1.596  1.00 0.39 ? 8  DT  A "O3'"  1 
ATOM   231 C "C2'"  . DT  A 1 8  ? -1.861  8.418   0.410   1.00 0.27 ? 8  DT  A "C2'"  1 
ATOM   232 C "C1'"  . DT  A 1 8  ? -1.095  7.291   1.068   1.00 0.27 ? 8  DT  A "C1'"  1 
ATOM   233 N N1     . DT  A 1 8  ? -1.224  7.262   2.530   1.00 0.27 ? 8  DT  A N1     1 
ATOM   234 C C2     . DT  A 1 8  ? -2.365  6.680   3.022   1.00 0.30 ? 8  DT  A C2     1 
ATOM   235 O O2     . DT  A 1 8  ? -3.274  6.269   2.298   1.00 0.36 ? 8  DT  A O2     1 
ATOM   236 N N3     . DT  A 1 8  ? -2.429  6.572   4.389   1.00 0.31 ? 8  DT  A N3     1 
ATOM   237 C C4     . DT  A 1 8  ? -1.441  6.905   5.303   1.00 0.30 ? 8  DT  A C4     1 
ATOM   238 O O4     . DT  A 1 8  ? -1.596  6.638   6.500   1.00 0.33 ? 8  DT  A O4     1 
ATOM   239 C C5     . DT  A 1 8  ? -0.284  7.541   4.697   1.00 0.28 ? 8  DT  A C5     1 
ATOM   240 C C7     . DT  A 1 8  ? 0.912   7.940   5.589   1.00 0.30 ? 8  DT  A C7     1 
ATOM   241 C C6     . DT  A 1 8  ? -0.257  7.760   3.353   1.00 0.27 ? 8  DT  A C6     1 
ATOM   242 H "H5'"  . DT  A 1 8  ? 1.987   7.577   -1.259  1.00 0.35 ? 8  DT  A "H5'"  1 
ATOM   243 H "H5''" . DT  A 1 8  ? 1.429   9.062   -2.066  1.00 0.40 ? 8  DT  A "H5''" 1 
ATOM   244 H "H4'"  . DT  A 1 8  ? -0.248  7.510   -1.367  1.00 0.31 ? 8  DT  A "H4'"  1 
ATOM   245 H "H3'"  . DT  A 1 8  ? -0.331  9.981   0.272   1.00 0.33 ? 8  DT  A "H3'"  1 
ATOM   246 H "H2'"  . DT  A 1 8  ? -2.489  8.949   1.119   1.00 0.28 ? 8  DT  A "H2'"  1 
ATOM   247 H "H2''" . DT  A 1 8  ? -2.518  7.935   -0.303  1.00 0.29 ? 8  DT  A "H2''" 1 
ATOM   248 H "H1'"  . DT  A 1 8  ? -1.543  6.368   0.690   1.00 0.27 ? 8  DT  A "H1'"  1 
ATOM   249 H H3     . DT  A 1 8  ? -3.302  6.223   4.742   1.00 0.36 ? 8  DT  A H3     1 
ATOM   250 H H71    . DT  A 1 8  ? 1.108   9.009   5.524   1.00 0.76 ? 8  DT  A H71    1 
ATOM   251 H H72    . DT  A 1 8  ? 1.809   7.393   5.294   1.00 0.83 ? 8  DT  A H72    1 
ATOM   252 H H73    . DT  A 1 8  ? 0.701   7.686   6.629   1.00 0.76 ? 8  DT  A H73    1 
ATOM   253 H H6     . DT  A 1 8  ? 0.484   8.337   2.838   1.00 0.28 ? 8  DT  A H6     1 
ATOM   254 P P      . DT  A 1 9  ? -2.087  11.125  -1.648  1.00 0.48 ? 9  DT  A P      1 
ATOM   255 O OP1    . DT  A 1 9  ? -2.344  11.486  -3.061  1.00 0.67 ? 9  DT  A OP1    1 
ATOM   256 O OP2    . DT  A 1 9  ? -1.343  12.059  -0.775  1.00 0.52 ? 9  DT  A OP2    1 
ATOM   257 O "O5'"  . DT  A 1 9  ? -3.490  10.806  -0.946  1.00 0.42 ? 9  DT  A "O5'"  1 
ATOM   258 C "C5'"  . DT  A 1 9  ? -4.466  10.082  -1.688  1.00 0.43 ? 9  DT  A "C5'"  1 
ATOM   259 C "C4'"  . DT  A 1 9  ? -5.793  9.943   -0.982  1.00 0.43 ? 9  DT  A "C4'"  1 
ATOM   260 O "O4'"  . DT  A 1 9  ? -5.675  9.299   0.298   1.00 0.49 ? 9  DT  A "O4'"  1 
ATOM   261 C "C3'"  . DT  A 1 9  ? -6.426  11.290  -0.776  1.00 0.40 ? 9  DT  A "C3'"  1 
ATOM   262 O "O3'"  . DT  A 1 9  ? -7.792  11.305  -1.191  1.00 0.46 ? 9  DT  A "O3'"  1 
ATOM   263 C "C2'"  . DT  A 1 9  ? -6.200  11.517  0.688   1.00 0.38 ? 9  DT  A "C2'"  1 
ATOM   264 C "C1'"  . DT  A 1 9  ? -6.247  10.134  1.306   1.00 0.41 ? 9  DT  A "C1'"  1 
ATOM   265 N N1     . DT  A 1 9  ? -5.476  10.010  2.570   1.00 0.36 ? 9  DT  A N1     1 
ATOM   266 C C2     . DT  A 1 9  ? -6.142  9.506   3.676   1.00 0.41 ? 9  DT  A C2     1 
ATOM   267 O O2     . DT  A 1 9  ? -7.357  9.305   3.694   1.00 0.49 ? 9  DT  A O2     1 
ATOM   268 N N3     . DT  A 1 9  ? -5.359  9.262   4.784   1.00 0.40 ? 9  DT  A N3     1 
ATOM   269 C C4     . DT  A 1 9  ? -4.011  9.536   4.918   1.00 0.37 ? 9  DT  A C4     1 
ATOM   270 O O4     . DT  A 1 9  ? -3.429  9.240   5.960   1.00 0.42 ? 9  DT  A O4     1 
ATOM   271 C C5     . DT  A 1 9  ? -3.414  10.171  3.763   1.00 0.32 ? 9  DT  A C5     1 
ATOM   272 C C7     . DT  A 1 9  ? -1.944  10.640  3.847   1.00 0.32 ? 9  DT  A C7     1 
ATOM   273 C C6     . DT  A 1 9  ? -4.146  10.363  2.637   1.00 0.32 ? 9  DT  A C6     1 
ATOM   274 H "H5'"  . DT  A 1 9  ? -4.109  9.092   -1.925  1.00 0.53 ? 9  DT  A "H5'"  1 
ATOM   275 H "H5''" . DT  A 1 9  ? -4.635  10.618  -2.614  1.00 0.41 ? 9  DT  A "H5''" 1 
ATOM   276 H "H4'"  . DT  A 1 9  ? -6.435  9.345   -1.622  1.00 0.47 ? 9  DT  A "H4'"  1 
ATOM   277 H "H3'"  . DT  A 1 9  ? -5.871  12.009  -1.374  1.00 0.44 ? 9  DT  A "H3'"  1 
ATOM   278 H "H2'"  . DT  A 1 9  ? -5.214  11.955  0.775   1.00 0.41 ? 9  DT  A "H2'"  1 
ATOM   279 H "H2''" . DT  A 1 9  ? -6.928  12.187  1.114   1.00 0.47 ? 9  DT  A "H2''" 1 
ATOM   280 H "H1'"  . DT  A 1 9  ? -7.283  9.843   1.469   1.00 0.51 ? 9  DT  A "H1'"  1 
ATOM   281 H H3     . DT  A 1 9  ? -5.824  8.843   5.577   1.00 0.45 ? 9  DT  A H3     1 
ATOM   282 H H71    . DT  A 1 9  ? -1.885  11.726  3.782   1.00 0.31 ? 9  DT  A H71    1 
ATOM   283 H H72    . DT  A 1 9  ? -1.345  10.201  3.050   1.00 0.37 ? 9  DT  A H72    1 
ATOM   284 H H73    . DT  A 1 9  ? -1.507  10.346  4.805   1.00 0.34 ? 9  DT  A H73    1 
ATOM   285 H H6     . DT  A 1 9  ? -3.705  10.801  1.763   1.00 0.32 ? 9  DT  A H6     1 
ATOM   286 P P      . DC  A 1 10 ? -8.541  12.719  -1.409  1.00 0.49 ? 10 DC  A P      1 
ATOM   287 O OP1    . DC  A 1 10 ? -9.556  12.554  -2.475  1.00 0.65 ? 10 DC  A OP1    1 
ATOM   288 O OP2    . DC  A 1 10 ? -7.514  13.780  -1.530  1.00 0.51 ? 10 DC  A OP2    1 
ATOM   289 O "O5'"  . DC  A 1 10 ? -9.301  12.910  -0.003  1.00 0.43 ? 10 DC  A "O5'"  1 
ATOM   290 C "C5'"  . DC  A 1 10 ? -10.415 12.068  0.300   1.00 0.50 ? 10 DC  A "C5'"  1 
ATOM   291 C "C4'"  . DC  A 1 10 ? -10.870 12.161  1.753   1.00 0.54 ? 10 DC  A "C4'"  1 
ATOM   292 O "O4'"  . DC  A 1 10 ? -9.824  11.738  2.639   1.00 0.53 ? 10 DC  A "O4'"  1 
ATOM   293 C "C3'"  . DC  A 1 10 ? -11.353 13.550  2.246   1.00 0.59 ? 10 DC  A "C3'"  1 
ATOM   294 O "O3'"  . DC  A 1 10 ? -12.553 13.368  3.014   1.00 0.75 ? 10 DC  A "O3'"  1 
ATOM   295 C "C2'"  . DC  A 1 10 ? -10.220 13.944  3.206   1.00 0.61 ? 10 DC  A "C2'"  1 
ATOM   296 C "C1'"  . DC  A 1 10 ? -9.848  12.576  3.799   1.00 0.61 ? 10 DC  A "C1'"  1 
ATOM   297 N N1     . DC  A 1 10 ? -8.558  12.397  4.513   1.00 0.61 ? 10 DC  A N1     1 
ATOM   298 C C2     . DC  A 1 10 ? -8.607  11.699  5.713   1.00 0.83 ? 10 DC  A C2     1 
ATOM   299 O O2     . DC  A 1 10 ? -9.663  11.296  6.199   1.00 1.04 ? 10 DC  A O2     1 
ATOM   300 N N3     . DC  A 1 10 ? -7.453  11.455  6.361   1.00 0.85 ? 10 DC  A N3     1 
ATOM   301 C C4     . DC  A 1 10 ? -6.270  11.860  5.911   1.00 0.65 ? 10 DC  A C4     1 
ATOM   302 N N4     . DC  A 1 10 ? -5.232  11.560  6.695   1.00 0.68 ? 10 DC  A N4     1 
ATOM   303 C C5     . DC  A 1 10 ? -6.169  12.580  4.671   1.00 0.50 ? 10 DC  A C5     1 
ATOM   304 C C6     . DC  A 1 10 ? -7.361  12.859  4.017   1.00 0.50 ? 10 DC  A C6     1 
ATOM   305 H "H5'"  . DC  A 1 10 ? -10.128 11.036  0.110   1.00 0.55 ? 10 DC  A "H5'"  1 
ATOM   306 H "H5''" . DC  A 1 10 ? -11.242 12.307  -0.369  1.00 0.58 ? 10 DC  A "H5''" 1 
ATOM   307 H "H4'"  . DC  A 1 10 ? -11.659 11.426  1.880   1.00 0.63 ? 10 DC  A "H4'"  1 
ATOM   308 H "H3'"  . DC  A 1 10 ? -11.548 14.221  1.396   1.00 0.60 ? 10 DC  A "H3'"  1 
ATOM   309 H "HO3'" . DC  A 1 10 ? -12.340 12.821  3.775   1.00 1.30 ? 10 DC  A "HO3'" 1 
ATOM   310 H "H2'"  . DC  A 1 10 ? -9.410  14.416  2.642   1.00 0.56 ? 10 DC  A "H2'"  1 
ATOM   311 H "H2''" . DC  A 1 10 ? -10.539 14.635  3.999   1.00 0.73 ? 10 DC  A "H2''" 1 
ATOM   312 H "H1'"  . DC  A 1 10 ? -10.647 12.239  4.474   1.00 0.72 ? 10 DC  A "H1'"  1 
ATOM   313 H H41    . DC  A 1 10 ? -5.309  10.685  7.192   1.00 1.19 ? 10 DC  A H41    1 
ATOM   314 H H42    . DC  A 1 10 ? -4.596  12.247  7.077   1.00 0.61 ? 10 DC  A H42    1 
ATOM   315 H H5     . DC  A 1 10 ? -5.229  12.871  4.243   1.00 0.51 ? 10 DC  A H5     1 
ATOM   316 H H6     . DC  A 1 10 ? -7.335  13.439  3.117   1.00 0.53 ? 10 DC  A H6     1 
ATOM   317 O "O5'"  . DG  B 1 1  ? -9.037  11.529  17.663  1.00 1.43 ? 11 DG  B "O5'"  1 
ATOM   318 C "C5'"  . DG  B 1 1  ? -8.652  10.164  17.573  1.00 1.19 ? 11 DG  B "C5'"  1 
ATOM   319 C "C4'"  . DG  B 1 1  ? -9.057  9.634   16.186  1.00 0.88 ? 11 DG  B "C4'"  1 
ATOM   320 O "O4'"  . DG  B 1 1  ? -8.444  10.440  15.151  1.00 0.79 ? 11 DG  B "O4'"  1 
ATOM   321 C "C3'"  . DG  B 1 1  ? -8.713  8.168   15.880  1.00 0.74 ? 11 DG  B "C3'"  1 
ATOM   322 O "O3'"  . DG  B 1 1  ? -9.938  7.422   15.870  1.00 0.75 ? 11 DG  B "O3'"  1 
ATOM   323 C "C2'"  . DG  B 1 1  ? -7.976  8.284   14.527  1.00 0.67 ? 11 DG  B "C2'"  1 
ATOM   324 C "C1'"  . DG  B 1 1  ? -8.329  9.655   13.951  1.00 0.62 ? 11 DG  B "C1'"  1 
ATOM   325 N N9     . DG  B 1 1  ? -7.284  10.185  13.051  1.00 0.61 ? 11 DG  B N9     1 
ATOM   326 C C8     . DG  B 1 1  ? -6.029  10.637  13.341  1.00 0.77 ? 11 DG  B C8     1 
ATOM   327 N N7     . DG  B 1 1  ? -5.374  11.104  12.312  1.00 0.78 ? 11 DG  B N7     1 
ATOM   328 C C5     . DG  B 1 1  ? -6.258  10.925  11.247  1.00 0.59 ? 11 DG  B C5     1 
ATOM   329 C C6     . DG  B 1 1  ? -6.118  11.238  9.861   1.00 0.56 ? 11 DG  B C6     1 
ATOM   330 O O6     . DG  B 1 1  ? -5.162  11.737  9.260   1.00 0.66 ? 11 DG  B O6     1 
ATOM   331 N N1     . DG  B 1 1  ? -7.266  10.904  9.155   1.00 0.53 ? 11 DG  B N1     1 
ATOM   332 C C2     . DG  B 1 1  ? -8.388  10.309  9.683   1.00 0.58 ? 11 DG  B C2     1 
ATOM   333 N N2     . DG  B 1 1  ? -9.384  10.045  8.833   1.00 0.75 ? 11 DG  B N2     1 
ATOM   334 N N3     . DG  B 1 1  ? -8.512  9.992   10.976  1.00 0.54 ? 11 DG  B N3     1 
ATOM   335 C C4     . DG  B 1 1  ? -7.418  10.344  11.694  1.00 0.53 ? 11 DG  B C4     1 
ATOM   336 H "H5'"  . DG  B 1 1  ? -9.162  9.630   18.381  1.00 1.27 ? 11 DG  B "H5'"  1 
ATOM   337 H "H5''" . DG  B 1 1  ? -7.572  10.127  17.752  1.00 1.27 ? 11 DG  B "H5''" 1 
ATOM   338 H "H4'"  . DG  B 1 1  ? -10.151 9.689   16.104  1.00 0.95 ? 11 DG  B "H4'"  1 
ATOM   339 H "H3'"  . DG  B 1 1  ? -8.071  7.676   16.614  1.00 0.88 ? 11 DG  B "H3'"  1 
ATOM   340 H "H2'"  . DG  B 1 1  ? -6.900  8.233   14.688  1.00 0.81 ? 11 DG  B "H2'"  1 
ATOM   341 H "H2''" . DG  B 1 1  ? -8.202  7.479   13.844  1.00 0.71 ? 11 DG  B "H2''" 1 
ATOM   342 H "H1'"  . DG  B 1 1  ? -9.221  9.673   13.315  1.00 0.64 ? 11 DG  B "H1'"  1 
ATOM   343 H H8     . DG  B 1 1  ? -5.633  10.600  14.355  1.00 0.92 ? 11 DG  B H8     1 
ATOM   344 H H1     . DG  B 1 1  ? -7.279  11.123  8.172   1.00 0.59 ? 11 DG  B H1     1 
ATOM   345 H H21    . DG  B 1 1  ? -9.377  10.434  7.896   1.00 0.82 ? 11 DG  B H21    1 
ATOM   346 H H22    . DG  B 1 1  ? -10.169 9.505   9.167   1.00 0.87 ? 11 DG  B H22    1 
ATOM   347 H "HO5'" . DG  B 1 1  ? -8.617  11.987  16.929  1.00 1.64 ? 11 DG  B "HO5'" 1 
ATOM   348 P P      . DA  B 1 2  ? -10.028 5.942   15.251  1.00 0.88 ? 12 DA  B P      1 
ATOM   349 O OP1    . DA  B 1 2  ? -11.260 5.271   15.729  1.00 1.14 ? 12 DA  B OP1    1 
ATOM   350 O OP2    . DA  B 1 2  ? -8.710  5.283   15.407  1.00 1.05 ? 12 DA  B OP2    1 
ATOM   351 O "O5'"  . DA  B 1 2  ? -10.246 6.310   13.714  1.00 0.72 ? 12 DA  B "O5'"  1 
ATOM   352 C "C5'"  . DA  B 1 2  ? -11.507 6.851   13.300  1.00 0.67 ? 12 DA  B "C5'"  1 
ATOM   353 C "C4'"  . DA  B 1 2  ? -11.745 6.594   11.825  1.00 0.55 ? 12 DA  B "C4'"  1 
ATOM   354 O "O4'"  . DA  B 1 2  ? -10.720 7.185   11.002  1.00 0.54 ? 12 DA  B "O4'"  1 
ATOM   355 C "C3'"  . DA  B 1 2  ? -11.777 5.100   11.520  1.00 0.54 ? 12 DA  B "C3'"  1 
ATOM   356 O "O3'"  . DA  B 1 2  ? -12.935 4.834   10.727  1.00 0.54 ? 12 DA  B "O3'"  1 
ATOM   357 C "C2'"  . DA  B 1 2  ? -10.432 4.862   10.843  1.00 0.52 ? 12 DA  B "C2'"  1 
ATOM   358 C "C1'"  . DA  B 1 2  ? -10.158 6.178   10.144  1.00 0.50 ? 12 DA  B "C1'"  1 
ATOM   359 N N9     . DA  B 1 2  ? -8.728  6.480   9.975   1.00 0.48 ? 12 DA  B N9     1 
ATOM   360 C C8     . DA  B 1 2  ? -7.690  6.391   10.865  1.00 0.58 ? 12 DA  B C8     1 
ATOM   361 N N7     . DA  B 1 2  ? -6.554  6.839   10.414  1.00 0.55 ? 12 DA  B N7     1 
ATOM   362 C C5     . DA  B 1 2  ? -6.860  7.224   9.110   1.00 0.45 ? 12 DA  B C5     1 
ATOM   363 C C6     . DA  B 1 2  ? -6.100  7.790   8.081   1.00 0.47 ? 12 DA  B C6     1 
ATOM   364 N N6     . DA  B 1 2  ? -4.809  8.095   8.206   1.00 0.53 ? 12 DA  B N6     1 
ATOM   365 N N1     . DA  B 1 2  ? -6.726  8.029   6.918   1.00 0.51 ? 12 DA  B N1     1 
ATOM   366 C C2     . DA  B 1 2  ? -8.009  7.710   6.772   1.00 0.50 ? 12 DA  B C2     1 
ATOM   367 N N3     . DA  B 1 2  ? -8.826  7.194   7.671   1.00 0.43 ? 12 DA  B N3     1 
ATOM   368 C C4     . DA  B 1 2  ? -8.174  6.974   8.832   1.00 0.42 ? 12 DA  B C4     1 
ATOM   369 H "H5'"  . DA  B 1 2  ? -11.563 7.920   13.482  1.00 0.72 ? 12 DA  B "H5'"  1 
ATOM   370 H "H5''" . DA  B 1 2  ? -12.302 6.394   13.886  1.00 0.75 ? 12 DA  B "H5''" 1 
ATOM   371 H "H4'"  . DA  B 1 2  ? -12.707 7.017   11.535  1.00 0.60 ? 12 DA  B "H4'"  1 
ATOM   372 H "H3'"  . DA  B 1 2  ? -11.882 4.522   12.440  1.00 0.61 ? 12 DA  B "H3'"  1 
ATOM   373 H "H2'"  . DA  B 1 2  ? -9.683  4.671   11.612  1.00 0.55 ? 12 DA  B "H2'"  1 
ATOM   374 H "H2''" . DA  B 1 2  ? -10.413 4.033   10.136  1.00 0.55 ? 12 DA  B "H2''" 1 
ATOM   375 H "H1'"  . DA  B 1 2  ? -10.626 6.186   9.161   1.00 0.52 ? 12 DA  B "H1'"  1 
ATOM   376 H H8     . DA  B 1 2  ? -7.803  5.978   11.862  1.00 0.70 ? 12 DA  B H8     1 
ATOM   377 H H61    . DA  B 1 2  ? -4.302  8.476   7.420   1.00 0.47 ? 12 DA  B H61    1 
ATOM   378 H H62    . DA  B 1 2  ? -4.329  7.932   9.079   1.00 0.63 ? 12 DA  B H62    1 
ATOM   379 H H2     . DA  B 1 2  ? -8.467  7.878   5.796   1.00 0.60 ? 12 DA  B H2     1 
ATOM   380 P P      . DA  B 1 3  ? -13.280 3.348   10.239  1.00 0.59 ? 13 DA  B P      1 
ATOM   381 O OP1    . DA  B 1 3  ? -14.720 3.279   9.907   1.00 0.68 ? 13 DA  B OP1    1 
ATOM   382 O OP2    . DA  B 1 3  ? -12.687 2.385   11.197  1.00 0.74 ? 13 DA  B OP2    1 
ATOM   383 O "O5'"  . DA  B 1 3  ? -12.428 3.298   8.875   1.00 0.52 ? 13 DA  B "O5'"  1 
ATOM   384 C "C5'"  . DA  B 1 3  ? -12.770 4.107   7.738   1.00 0.50 ? 13 DA  B "C5'"  1 
ATOM   385 C "C4'"  . DA  B 1 3  ? -11.711 4.017   6.643   1.00 0.50 ? 13 DA  B "C4'"  1 
ATOM   386 O "O4'"  . DA  B 1 3  ? -10.421 4.516   7.080   1.00 0.53 ? 13 DA  B "O4'"  1 
ATOM   387 C "C3'"  . DA  B 1 3  ? -11.509 2.562   6.197   1.00 0.51 ? 13 DA  B "C3'"  1 
ATOM   388 O "O3'"  . DA  B 1 3  ? -11.990 2.358   4.857   1.00 0.76 ? 13 DA  B "O3'"  1 
ATOM   389 C "C2'"  . DA  B 1 3  ? -10.013 2.376   6.442   1.00 0.50 ? 13 DA  B "C2'"  1 
ATOM   390 C "C1'"  . DA  B 1 3  ? -9.426  3.769   6.368   1.00 0.49 ? 13 DA  B "C1'"  1 
ATOM   391 N N9     . DA  B 1 3  ? -8.050  3.926   6.899   1.00 0.43 ? 13 DA  B N9     1 
ATOM   392 C C8     . DA  B 1 3  ? -7.441  3.470   8.042   1.00 0.44 ? 13 DA  B C8     1 
ATOM   393 N N7     . DA  B 1 3  ? -6.171  3.778   8.144   1.00 0.45 ? 13 DA  B N7     1 
ATOM   394 C C5     . DA  B 1 3  ? -5.930  4.526   6.999   1.00 0.47 ? 13 DA  B C5     1 
ATOM   395 C C6     . DA  B 1 3  ? -4.788  5.156   6.478   1.00 0.62 ? 13 DA  B C6     1 
ATOM   396 N N6     . DA  B 1 3  ? -3.562  5.189   7.001   1.00 0.71 ? 13 DA  B N6     1 
ATOM   397 N N1     . DA  B 1 3  ? -4.939  5.806   5.328   1.00 0.77 ? 13 DA  B N1     1 
ATOM   398 C C2     . DA  B 1 3  ? -6.105  5.845   4.720   1.00 0.77 ? 13 DA  B C2     1 
ATOM   399 N N3     . DA  B 1 3  ? -7.231  5.260   5.068   1.00 0.65 ? 13 DA  B N3     1 
ATOM   400 C C4     . DA  B 1 3  ? -7.071  4.619   6.245   1.00 0.48 ? 13 DA  B C4     1 
ATOM   401 H "H5'"  . DA  B 1 3  ? -12.885 5.150   8.032   1.00 0.57 ? 13 DA  B "H5'"  1 
ATOM   402 H "H5''" . DA  B 1 3  ? -13.717 3.754   7.327   1.00 0.53 ? 13 DA  B "H5''" 1 
ATOM   403 H "H4'"  . DA  B 1 3  ? -12.052 4.575   5.769   1.00 0.57 ? 13 DA  B "H4'"  1 
ATOM   404 H "H3'"  . DA  B 1 3  ? -12.088 1.910   6.849   1.00 0.49 ? 13 DA  B "H3'"  1 
ATOM   405 H "H2'"  . DA  B 1 3  ? -9.881  1.993   7.455   1.00 0.47 ? 13 DA  B "H2'"  1 
ATOM   406 H "H2''" . DA  B 1 3  ? -9.546  1.716   5.721   1.00 0.67 ? 13 DA  B "H2''" 1 
ATOM   407 H "H1'"  . DA  B 1 3  ? -9.352  4.074   5.321   1.00 0.59 ? 13 DA  B "H1'"  1 
ATOM   408 H H8     . DA  B 1 3  ? -7.983  2.908   8.800   1.00 0.53 ? 13 DA  B H8     1 
ATOM   409 H H61    . DA  B 1 3  ? -2.804  5.524   6.425   1.00 1.40 ? 13 DA  B H61    1 
ATOM   410 H H62    . DA  B 1 3  ? -3.332  5.131   7.973   1.00 0.55 ? 13 DA  B H62    1 
ATOM   411 H H2     . DA  B 1 3  ? -6.106  6.456   3.830   1.00 0.94 ? 13 DA  B H2     1 
ATOM   412 P P      . DC  B 1 4  ? -11.600 1.134   3.870   1.00 0.57 ? 14 DC  B P      1 
ATOM   413 O OP1    . DC  B 1 4  ? -12.777 0.784   3.041   1.00 1.15 ? 14 DC  B OP1    1 
ATOM   414 O OP2    . DC  B 1 4  ? -10.892 0.087   4.641   1.00 1.05 ? 14 DC  B OP2    1 
ATOM   415 O "O5'"  . DC  B 1 4  ? -10.516 1.877   2.935   1.00 0.53 ? 14 DC  B "O5'"  1 
ATOM   416 C "C5'"  . DC  B 1 4  ? -10.948 3.071   2.271   1.00 0.42 ? 14 DC  B "C5'"  1 
ATOM   417 C "C4'"  . DC  B 1 4  ? -10.248 3.397   0.995   1.00 0.32 ? 14 DC  B "C4'"  1 
ATOM   418 O "O4'"  . DC  B 1 4  ? -8.890  3.804   1.173   1.00 0.33 ? 14 DC  B "O4'"  1 
ATOM   419 C "C3'"  . DC  B 1 4  ? -10.303 2.254   0.028   1.00 0.40 ? 14 DC  B "C3'"  1 
ATOM   420 O "O3'"  . DC  B 1 4  ? -10.480 2.762   -1.300  1.00 0.59 ? 14 DC  B "O3'"  1 
ATOM   421 C "C2'"  . DC  B 1 4  ? -8.985  1.594   0.400   1.00 0.34 ? 14 DC  B "C2'"  1 
ATOM   422 C "C1'"  . DC  B 1 4  ? -8.030  2.709   0.836   1.00 0.30 ? 14 DC  B "C1'"  1 
ATOM   423 N N1     . DC  B 1 4  ? -7.096  2.431   1.964   1.00 0.29 ? 14 DC  B N1     1 
ATOM   424 C C2     . DC  B 1 4  ? -5.740  2.737   1.809   1.00 0.31 ? 14 DC  B C2     1 
ATOM   425 O O2     . DC  B 1 4  ? -5.281  3.128   0.740   1.00 0.32 ? 14 DC  B O2     1 
ATOM   426 N N3     . DC  B 1 4  ? -4.909  2.589   2.871   1.00 0.35 ? 14 DC  B N3     1 
ATOM   427 C C4     . DC  B 1 4  ? -5.351  2.119   4.046   1.00 0.38 ? 14 DC  B C4     1 
ATOM   428 N N4     . DC  B 1 4  ? -4.527  2.009   5.085   1.00 0.47 ? 14 DC  B N4     1 
ATOM   429 C C5     . DC  B 1 4  ? -6.713  1.730   4.210   1.00 0.36 ? 14 DC  B C5     1 
ATOM   430 C C6     . DC  B 1 4  ? -7.559  1.908   3.133   1.00 0.31 ? 14 DC  B C6     1 
ATOM   431 H "H5'"  . DC  B 1 4  ? -10.803 3.917   2.927   1.00 0.51 ? 14 DC  B "H5'"  1 
ATOM   432 H "H5''" . DC  B 1 4  ? -11.975 2.967   1.958   1.00 0.46 ? 14 DC  B "H5''" 1 
ATOM   433 H "H4'"  . DC  B 1 4  ? -10.820 4.192   0.537   1.00 0.38 ? 14 DC  B "H4'"  1 
ATOM   434 H "H3'"  . DC  B 1 4  ? -11.171 1.624   0.242   1.00 0.49 ? 14 DC  B "H3'"  1 
ATOM   435 H "H2'"  . DC  B 1 4  ? -9.212  0.954   1.243   1.00 0.35 ? 14 DC  B "H2'"  1 
ATOM   436 H "H2''" . DC  B 1 4  ? -8.574  1.007   -0.401  1.00 0.38 ? 14 DC  B "H2''" 1 
ATOM   437 H "H1'"  . DC  B 1 4  ? -7.403  2.951   0.003   1.00 0.33 ? 14 DC  B "H1'"  1 
ATOM   438 H H41    . DC  B 1 4  ? -3.591  2.380   5.022   1.00 0.41 ? 14 DC  B H41    1 
ATOM   439 H H42    . DC  B 1 4  ? -4.862  1.616   5.954   1.00 0.57 ? 14 DC  B H42    1 
ATOM   440 H H5     . DC  B 1 4  ? -7.046  1.319   5.135   1.00 0.41 ? 14 DC  B H5     1 
ATOM   441 H H6     . DC  B 1 4  ? -8.591  1.632   3.212   1.00 0.32 ? 14 DC  B H6     1 
ATOM   442 P P      . DC  B 1 5  ? -10.788 1.777   -2.535  1.00 0.81 ? 15 DC  B P      1 
ATOM   443 O OP1    . DC  B 1 5  ? -11.240 2.569   -3.701  1.00 1.14 ? 15 DC  B OP1    1 
ATOM   444 O OP2    . DC  B 1 5  ? -11.562 0.604   -2.069  1.00 0.97 ? 15 DC  B OP2    1 
ATOM   445 O "O5'"  . DC  B 1 5  ? -9.273  1.347   -2.807  1.00 0.59 ? 15 DC  B "O5'"  1 
ATOM   446 C "C5'"  . DC  B 1 5  ? -8.425  2.354   -3.372  1.00 0.53 ? 15 DC  B "C5'"  1 
ATOM   447 C "C4'"  . DC  B 1 5  ? -6.981  1.904   -3.474  1.00 0.37 ? 15 DC  B "C4'"  1 
ATOM   448 O "O4'"  . DC  B 1 5  ? -6.360  1.781   -2.164  1.00 0.34 ? 15 DC  B "O4'"  1 
ATOM   449 C "C3'"  . DC  B 1 5  ? -6.891  0.542   -4.158  1.00 0.33 ? 15 DC  B "C3'"  1 
ATOM   450 O "O3'"  . DC  B 1 5  ? -5.822  0.452   -5.114  1.00 0.32 ? 15 DC  B "O3'"  1 
ATOM   451 C "C2'"  . DC  B 1 5  ? -6.652  -0.304  -2.936  1.00 0.35 ? 15 DC  B "C2'"  1 
ATOM   452 C "C1'"  . DC  B 1 5  ? -5.689  0.512   -2.099  1.00 0.33 ? 15 DC  B "C1'"  1 
ATOM   453 N N1     . DC  B 1 5  ? -5.424  0.023   -0.703  1.00 0.37 ? 15 DC  B N1     1 
ATOM   454 C C2     . DC  B 1 5  ? -4.137  0.194   -0.162  1.00 0.40 ? 15 DC  B C2     1 
ATOM   455 O O2     . DC  B 1 5  ? -3.185  0.605   -0.821  1.00 0.43 ? 15 DC  B O2     1 
ATOM   456 N N3     . DC  B 1 5  ? -3.922  -0.125  1.140   1.00 0.41 ? 15 DC  B N3     1 
ATOM   457 C C4     . DC  B 1 5  ? -4.903  -0.625  1.908   1.00 0.42 ? 15 DC  B C4     1 
ATOM   458 N N4     . DC  B 1 5  ? -4.658  -0.931  3.181   1.00 0.45 ? 15 DC  B N4     1 
ATOM   459 C C5     . DC  B 1 5  ? -6.215  -0.842  1.387   1.00 0.40 ? 15 DC  B C5     1 
ATOM   460 C C6     . DC  B 1 5  ? -6.416  -0.557  0.049   1.00 0.38 ? 15 DC  B C6     1 
ATOM   461 H "H5'"  . DC  B 1 5  ? -8.490  3.248   -2.752  1.00 0.58 ? 15 DC  B "H5'"  1 
ATOM   462 H "H5''" . DC  B 1 5  ? -8.807  2.592   -4.365  1.00 0.59 ? 15 DC  B "H5''" 1 
ATOM   463 H "H4'"  . DC  B 1 5  ? -6.448  2.595   -4.133  1.00 0.41 ? 15 DC  B "H4'"  1 
ATOM   464 H "H3'"  . DC  B 1 5  ? -7.851  0.320   -4.634  1.00 0.38 ? 15 DC  B "H3'"  1 
ATOM   465 H "H2'"  . DC  B 1 5  ? -7.610  -0.357  -2.425  1.00 0.42 ? 15 DC  B "H2'"  1 
ATOM   466 H "H2''" . DC  B 1 5  ? -6.277  -1.291  -3.144  1.00 0.38 ? 15 DC  B "H2''" 1 
ATOM   467 H "H1'"  . DC  B 1 5  ? -4.742  0.605   -2.630  1.00 0.32 ? 15 DC  B "H1'"  1 
ATOM   468 H H41    . DC  B 1 5  ? -3.749  -0.716  3.567   1.00 0.44 ? 15 DC  B H41    1 
ATOM   469 H H42    . DC  B 1 5  ? -5.378  -1.345  3.761   1.00 0.47 ? 15 DC  B H42    1 
ATOM   470 H H5     . DC  B 1 5  ? -7.005  -1.197  2.020   1.00 0.43 ? 15 DC  B H5     1 
ATOM   471 H H6     . DC  B 1 5  ? -7.362  -0.822  -0.383  1.00 0.37 ? 15 DC  B H6     1 
ATOM   472 P P      . DG  B 1 6  ? -5.922  1.181   -6.554  1.00 0.44 ? 16 DG  B P      1 
ATOM   473 O OP1    . DG  B 1 6  ? -5.891  2.641   -6.303  1.00 0.71 ? 16 DG  B OP1    1 
ATOM   474 O OP2    . DG  B 1 6  ? -7.087  0.599   -7.263  1.00 0.69 ? 16 DG  B OP2    1 
ATOM   475 O "O5'"  . DG  B 1 6  ? -4.560  0.710   -7.306  1.00 0.35 ? 16 DG  B "O5'"  1 
ATOM   476 C "C5'"  . DG  B 1 6  ? -3.394  1.541   -7.484  1.00 0.39 ? 16 DG  B "C5'"  1 
ATOM   477 C "C4'"  . DG  B 1 6  ? -2.117  1.011   -6.838  1.00 0.41 ? 16 DG  B "C4'"  1 
ATOM   478 O "O4'"  . DG  B 1 6  ? -2.363  0.746   -5.452  1.00 0.40 ? 16 DG  B "O4'"  1 
ATOM   479 C "C3'"  . DG  B 1 6  ? -1.680  -0.297  -7.464  1.00 0.43 ? 16 DG  B "C3'"  1 
ATOM   480 O "O3'"  . DG  B 1 6  ? -0.759  -0.019  -8.543  1.00 0.60 ? 16 DG  B "O3'"  1 
ATOM   481 C "C2'"  . DG  B 1 6  ? -1.099  -1.043  -6.262  1.00 0.45 ? 16 DG  B "C2'"  1 
ATOM   482 C "C1'"  . DG  B 1 6  ? -1.416  -0.238  -5.009  1.00 0.41 ? 16 DG  B "C1'"  1 
ATOM   483 N N9     . DG  B 1 6  ? -2.058  -1.066  -3.975  1.00 0.38 ? 16 DG  B N9     1 
ATOM   484 C C8     . DG  B 1 6  ? -3.257  -1.715  -4.061  1.00 0.40 ? 16 DG  B C8     1 
ATOM   485 N N7     . DG  B 1 6  ? -3.597  -2.358  -2.987  1.00 0.41 ? 16 DG  B N7     1 
ATOM   486 C C5     . DG  B 1 6  ? -2.537  -2.123  -2.119  1.00 0.37 ? 16 DG  B C5     1 
ATOM   487 C C6     . DG  B 1 6  ? -2.359  -2.563  -0.794  1.00 0.39 ? 16 DG  B C6     1 
ATOM   488 O O6     . DG  B 1 6  ? -3.125  -3.248  -0.124  1.00 0.46 ? 16 DG  B O6     1 
ATOM   489 N N1     . DG  B 1 6  ? -1.154  -2.128  -0.262  1.00 0.37 ? 16 DG  B N1     1 
ATOM   490 C C2     . DG  B 1 6  ? -0.228  -1.363  -0.929  1.00 0.36 ? 16 DG  B C2     1 
ATOM   491 N N2     . DG  B 1 6  ? 0.900   -1.134  -0.256  1.00 0.42 ? 16 DG  B N2     1 
ATOM   492 N N3     . DG  B 1 6  ? -0.410  -0.895  -2.169  1.00 0.36 ? 16 DG  B N3     1 
ATOM   493 C C4     . DG  B 1 6  ? -1.580  -1.336  -2.710  1.00 0.36 ? 16 DG  B C4     1 
ATOM   494 H "H5'"  . DG  B 1 6  ? -3.579  2.526   -7.081  1.00 0.45 ? 16 DG  B "H5'"  1 
ATOM   495 H "H5''" . DG  B 1 6  ? -3.179  1.608   -8.546  1.00 0.42 ? 16 DG  B "H5''" 1 
ATOM   496 H "H4'"  . DG  B 1 6  ? -1.300  1.716   -6.994  1.00 0.46 ? 16 DG  B "H4'"  1 
ATOM   497 H "H3'"  . DG  B 1 6  ? -2.583  -0.793  -7.813  1.00 0.44 ? 16 DG  B "H3'"  1 
ATOM   498 H "H2'"  . DG  B 1 6  ? -1.598  -2.008  -6.191  1.00 0.51 ? 16 DG  B "H2'"  1 
ATOM   499 H "H2''" . DG  B 1 6  ? -0.030  -1.205  -6.313  1.00 0.55 ? 16 DG  B "H2''" 1 
ATOM   500 H "H1'"  . DG  B 1 6  ? -0.506  0.181   -4.579  1.00 0.45 ? 16 DG  B "H1'"  1 
ATOM   501 H H8     . DG  B 1 6  ? -3.862  -1.686  -4.969  1.00 0.42 ? 16 DG  B H8     1 
ATOM   502 H H1     . DG  B 1 6  ? -0.944  -2.398  0.691   1.00 0.39 ? 16 DG  B H1     1 
ATOM   503 H H21    . DG  B 1 6  ? 0.989   -1.459  0.704   1.00 0.59 ? 16 DG  B H21    1 
ATOM   504 H H22    . DG  B 1 6  ? 1.661   -0.670  -0.725  1.00 1.19 ? 16 DG  B H22    1 
ATOM   505 P P      . DG  B 1 7  ? 0.082   -1.102  -9.412  1.00 0.66 ? 17 DG  B P      1 
ATOM   506 O OP1    . DG  B 1 7  ? 0.461   -0.482  -10.703 1.00 0.86 ? 17 DG  B OP1    1 
ATOM   507 O OP2    . DG  B 1 7  ? -0.647  -2.390  -9.394  1.00 0.87 ? 17 DG  B OP2    1 
ATOM   508 O "O5'"  . DG  B 1 7  ? 1.387   -1.264  -8.508  1.00 0.44 ? 17 DG  B "O5'"  1 
ATOM   509 C "C5'"  . DG  B 1 7  ? 2.147   -0.141  -8.046  1.00 0.35 ? 17 DG  B "C5'"  1 
ATOM   510 C "C4'"  . DG  B 1 7  ? 2.901   -0.552  -6.778  1.00 0.32 ? 17 DG  B "C4'"  1 
ATOM   511 O "O4'"  . DG  B 1 7  ? 1.990   -0.930  -5.712  1.00 0.33 ? 17 DG  B "O4'"  1 
ATOM   512 C "C3'"  . DG  B 1 7  ? 3.867   -1.713  -7.002  1.00 0.36 ? 17 DG  B "C3'"  1 
ATOM   513 O "O3'"  . DG  B 1 7  ? 5.214   -1.462  -6.596  1.00 0.40 ? 17 DG  B "O3'"  1 
ATOM   514 C "C2'"  . DG  B 1 7  ? 3.175   -2.796  -6.242  1.00 0.30 ? 17 DG  B "C2'"  1 
ATOM   515 C "C1'"  . DG  B 1 7  ? 2.438   -2.157  -5.107  1.00 0.30 ? 17 DG  B "C1'"  1 
ATOM   516 N N9     . DG  B 1 7  ? 1.345   -3.052  -4.667  1.00 0.28 ? 17 DG  B N9     1 
ATOM   517 C C8     . DG  B 1 7  ? 0.336   -3.593  -5.414  1.00 0.30 ? 17 DG  B C8     1 
ATOM   518 N N7     . DG  B 1 7  ? -0.501  -4.326  -4.755  1.00 0.28 ? 17 DG  B N7     1 
ATOM   519 C C5     . DG  B 1 7  ? 0.007   -4.305  -3.465  1.00 0.25 ? 17 DG  B C5     1 
ATOM   520 C C6     . DG  B 1 7  ? -0.486  -4.938  -2.310  1.00 0.24 ? 17 DG  B C6     1 
ATOM   521 O O6     . DG  B 1 7  ? -1.501  -5.616  -2.209  1.00 0.27 ? 17 DG  B O6     1 
ATOM   522 N N1     . DG  B 1 7  ? 0.327   -4.710  -1.215  1.00 0.24 ? 17 DG  B N1     1 
ATOM   523 C C2     . DG  B 1 7  ? 1.461   -3.935  -1.214  1.00 0.27 ? 17 DG  B C2     1 
ATOM   524 N N2     . DG  B 1 7  ? 2.107   -3.898  -0.050  1.00 0.33 ? 17 DG  B N2     1 
ATOM   525 N N3     . DG  B 1 7  ? 1.899   -3.278  -2.296  1.00 0.28 ? 17 DG  B N3     1 
ATOM   526 C C4     . DG  B 1 7  ? 1.135   -3.528  -3.391  1.00 0.26 ? 17 DG  B C4     1 
ATOM   527 H "H5'"  . DG  B 1 7  ? 1.490   0.713   -7.841  1.00 0.38 ? 17 DG  B "H5'"  1 
ATOM   528 H "H5''" . DG  B 1 7  ? 2.846   0.185   -8.819  1.00 0.39 ? 17 DG  B "H5''" 1 
ATOM   529 H "H4'"  . DG  B 1 7  ? 3.534   0.250   -6.449  1.00 0.33 ? 17 DG  B "H4'"  1 
ATOM   530 H "H3'"  . DG  B 1 7  ? 3.906   -2.013  -8.051  1.00 0.45 ? 17 DG  B "H3'"  1 
ATOM   531 H "H2'"  . DG  B 1 7  ? 2.403   -3.056  -6.947  1.00 0.32 ? 17 DG  B "H2'"  1 
ATOM   532 H "H2''" . DG  B 1 7  ? 3.793   -3.633  -5.914  1.00 0.29 ? 17 DG  B "H2''" 1 
ATOM   533 H "H1'"  . DG  B 1 7  ? 3.106   -2.021  -4.269  1.00 0.30 ? 17 DG  B "H1'"  1 
ATOM   534 H H8     . DG  B 1 7  ? 0.248   -3.439  -6.485  1.00 0.34 ? 17 DG  B H8     1 
ATOM   535 H H1     . DG  B 1 7  ? 0.068   -5.158  -0.348  1.00 0.25 ? 17 DG  B H1     1 
ATOM   536 H H21    . DG  B 1 7  ? 1.809   -4.536  0.680   1.00 0.30 ? 17 DG  B H21    1 
ATOM   537 H H22    . DG  B 1 7  ? 2.930   -3.322  0.066   1.00 0.45 ? 17 DG  B H22    1 
ATOM   538 P P      . DT  B 1 8  ? 6.374   -2.410  -7.212  1.00 0.46 ? 18 DT  B P      1 
ATOM   539 O OP1    . DT  B 1 8  ? 7.671   -1.704  -7.078  1.00 0.53 ? 18 DT  B OP1    1 
ATOM   540 O OP2    . DT  B 1 8  ? 5.917   -2.886  -8.539  1.00 0.51 ? 18 DT  B OP2    1 
ATOM   541 O "O5'"  . DT  B 1 8  ? 6.325   -3.647  -6.181  1.00 0.42 ? 18 DT  B "O5'"  1 
ATOM   542 C "C5'"  . DT  B 1 8  ? 6.512   -3.325  -4.803  1.00 0.37 ? 18 DT  B "C5'"  1 
ATOM   543 C "C4'"  . DT  B 1 8  ? 5.842   -4.238  -3.822  1.00 0.31 ? 18 DT  B "C4'"  1 
ATOM   544 O "O4'"  . DT  B 1 8  ? 4.445   -4.339  -4.053  1.00 0.29 ? 18 DT  B "O4'"  1 
ATOM   545 C "C3'"  . DT  B 1 8  ? 6.349   -5.644  -3.729  1.00 0.32 ? 18 DT  B "C3'"  1 
ATOM   546 O "O3'"  . DT  B 1 8  ? 7.596   -5.651  -3.020  1.00 0.39 ? 18 DT  B "O3'"  1 
ATOM   547 C "C2'"  . DT  B 1 8  ? 5.224   -6.235  -2.890  1.00 0.28 ? 18 DT  B "C2'"  1 
ATOM   548 C "C1'"  . DT  B 1 8  ? 4.000   -5.406  -3.210  1.00 0.27 ? 18 DT  B "C1'"  1 
ATOM   549 N N1     . DT  B 1 8  ? 2.881   -6.186  -3.753  1.00 0.27 ? 18 DT  B N1     1 
ATOM   550 C C2     . DT  B 1 8  ? 2.107   -6.849  -2.833  1.00 0.30 ? 18 DT  B C2     1 
ATOM   551 O O2     . DT  B 1 8  ? 2.362   -6.862  -1.628  1.00 0.36 ? 18 DT  B O2     1 
ATOM   552 N N3     . DT  B 1 8  ? 1.009   -7.494  -3.345  1.00 0.31 ? 18 DT  B N3     1 
ATOM   553 C C4     . DT  B 1 8  ? 0.561   -7.477  -4.656  1.00 0.29 ? 18 DT  B C4     1 
ATOM   554 O O4     . DT  B 1 8  ? -0.515  -8.009  -4.945  1.00 0.33 ? 18 DT  B O4     1 
ATOM   555 C C5     . DT  B 1 8  ? 1.457   -6.778  -5.563  1.00 0.27 ? 18 DT  B C5     1 
ATOM   556 C C7     . DT  B 1 8  ? 1.073   -6.650  -7.053  1.00 0.31 ? 18 DT  B C7     1 
ATOM   557 C C6     . DT  B 1 8  ? 2.610   -6.231  -5.089  1.00 0.27 ? 18 DT  B C6     1 
ATOM   558 H "H5'"  . DT  B 1 8  ? 5.991   -2.398  -4.621  1.00 0.36 ? 18 DT  B "H5'"  1 
ATOM   559 H "H5''" . DT  B 1 8  ? 7.567   -3.223  -4.564  1.00 0.40 ? 18 DT  B "H5''" 1 
ATOM   560 H "H4'"  . DT  B 1 8  ? 5.987   -3.785  -2.862  1.00 0.32 ? 18 DT  B "H4'"  1 
ATOM   561 H "H3'"  . DT  B 1 8  ? 6.390   -6.048  -4.737  1.00 0.34 ? 18 DT  B "H3'"  1 
ATOM   562 H "H2'"  . DT  B 1 8  ? 5.031   -7.298  -2.994  1.00 0.28 ? 18 DT  B "H2'"  1 
ATOM   563 H "H2''" . DT  B 1 8  ? 5.428   -6.046  -1.842  1.00 0.29 ? 18 DT  B "H2''" 1 
ATOM   564 H "H1'"  . DT  B 1 8  ? 3.664   -4.990  -2.256  1.00 0.27 ? 18 DT  B "H1'"  1 
ATOM   565 H H3     . DT  B 1 8  ? 0.497   -8.045  -2.676  1.00 0.36 ? 18 DT  B H3     1 
ATOM   566 H H71    . DT  B 1 8  ? 1.832   -7.100  -7.693  1.00 0.75 ? 18 DT  B H71    1 
ATOM   567 H H72    . DT  B 1 8  ? 0.949   -5.602  -7.327  1.00 0.83 ? 18 DT  B H72    1 
ATOM   568 H H73    . DT  B 1 8  ? 0.121   -7.152  -7.237  1.00 0.77 ? 18 DT  B H73    1 
ATOM   569 H H6     . DT  B 1 8  ? 3.391   -5.820  -5.696  1.00 0.28 ? 18 DT  B H6     1 
ATOM   570 P P      . DT  B 1 9  ? 8.553   -6.929  -3.118  1.00 0.49 ? 19 DT  B P      1 
ATOM   571 O OP1    . DT  B 1 9  ? 9.847   -6.615  -2.470  1.00 0.67 ? 19 DT  B OP1    1 
ATOM   572 O OP2    . DT  B 1 9  ? 8.529   -7.395  -4.523  1.00 0.52 ? 19 DT  B OP2    1 
ATOM   573 O "O5'"  . DT  B 1 9  ? 7.790   -8.016  -2.225  1.00 0.43 ? 19 DT  B "O5'"  1 
ATOM   574 C "C5'"  . DT  B 1 9  ? 7.851   -7.886  -0.808  1.00 0.43 ? 19 DT  B "C5'"  1 
ATOM   575 C "C4'"  . DT  B 1 9  ? 7.205   -9.028  -0.061  1.00 0.43 ? 19 DT  B "C4'"  1 
ATOM   576 O "O4'"  . DT  B 1 9  ? 5.821   -9.205  -0.408  1.00 0.49 ? 19 DT  B "O4'"  1 
ATOM   577 C "C3'"  . DT  B 1 9  ? 7.929   -10.316 -0.334  1.00 0.41 ? 19 DT  B "C3'"  1 
ATOM   578 O "O3'"  . DT  B 1 9  ? 8.226   -11.025 0.869   1.00 0.47 ? 19 DT  B "O3'"  1 
ATOM   579 C "C2'"  . DT  B 1 9  ? 6.985   -11.008 -1.269  1.00 0.39 ? 19 DT  B "C2'"  1 
ATOM   580 C "C1'"  . DT  B 1 9  ? 5.606   -10.551 -0.836  1.00 0.41 ? 19 DT  B "C1'"  1 
ATOM   581 N N1     . DT  B 1 9  ? 4.590   -10.585 -1.920  1.00 0.36 ? 19 DT  B N1     1 
ATOM   582 C C2     . DT  B 1 9  ? 3.415   -11.277 -1.670  1.00 0.41 ? 19 DT  B C2     1 
ATOM   583 O O2     . DT  B 1 9  ? 3.247   -11.973 -0.668  1.00 0.49 ? 19 DT  B O2     1 
ATOM   584 N N3     . DT  B 1 9  ? 2.436   -11.159 -2.634  1.00 0.40 ? 19 DT  B N3     1 
ATOM   585 C C4     . DT  B 1 9  ? 2.542   -10.490 -3.838  1.00 0.37 ? 19 DT  B C4     1 
ATOM   586 O O4     . DT  B 1 9  ? 1.574   -10.444 -4.596  1.00 0.42 ? 19 DT  B O4     1 
ATOM   587 C C5     . DT  B 1 9  ? 3.838   -9.896  -4.079  1.00 0.32 ? 19 DT  B C5     1 
ATOM   588 C C7     . DT  B 1 9  ? 4.112   -9.232  -5.447  1.00 0.32 ? 19 DT  B C7     1 
ATOM   589 C C6     . DT  B 1 9  ? 4.797   -9.940  -3.120  1.00 0.32 ? 19 DT  B C6     1 
ATOM   590 H "H5'"  . DT  B 1 9  ? 7.381   -6.970  -0.486  1.00 0.53 ? 19 DT  B "H5'"  1 
ATOM   591 H "H5''" . DT  B 1 9  ? 8.897   -7.853  -0.528  1.00 0.42 ? 19 DT  B "H5''" 1 
ATOM   592 H "H4'"  . DT  B 1 9  ? 7.278   -8.797  0.998   1.00 0.48 ? 19 DT  B "H4'"  1 
ATOM   593 H "H3'"  . DT  B 1 9  ? 8.864   -10.067 -0.833  1.00 0.45 ? 19 DT  B "H3'"  1 
ATOM   594 H "H2'"  . DT  B 1 9  ? 7.227   -10.648 -2.262  1.00 0.42 ? 19 DT  B "H2'"  1 
ATOM   595 H "H2''" . DT  B 1 9  ? 7.095   -12.079 -1.240  1.00 0.48 ? 19 DT  B "H2''" 1 
ATOM   596 H "H1'"  . DT  B 1 9  ? 5.273   -11.149 0.010   1.00 0.51 ? 19 DT  B "H1'"  1 
ATOM   597 H H3     . DT  B 1 9  ? 1.555   -11.614 -2.435  1.00 0.45 ? 19 DT  B H3     1 
ATOM   598 H H71    . DT  B 1 9  ? 4.881   -9.783  -5.992  1.00 0.31 ? 19 DT  B H71    1 
ATOM   599 H H72    . DT  B 1 9  ? 4.431   -8.198  -5.326  1.00 0.37 ? 19 DT  B H72    1 
ATOM   600 H H73    . DT  B 1 9  ? 3.207   -9.242  -6.060  1.00 0.34 ? 19 DT  B H73    1 
ATOM   601 H H6     . DT  B 1 9  ? 5.750   -9.473  -3.273  1.00 0.32 ? 19 DT  B H6     1 
ATOM   602 P P      . DC  B 1 10 ? 9.310   -12.221 0.838   1.00 0.49 ? 20 DC  B P      1 
ATOM   603 O OP1    . DC  B 1 10 ? 9.982   -12.278 2.157   1.00 0.65 ? 20 DC  B OP1    1 
ATOM   604 O OP2    . DC  B 1 10 ? 10.122  -12.089 -0.394  1.00 0.51 ? 20 DC  B OP2    1 
ATOM   605 O "O5'"  . DC  B 1 10 ? 8.367   -13.517 0.686   1.00 0.43 ? 20 DC  B "O5'"  1 
ATOM   606 C "C5'"  . DC  B 1 10 ? 7.564   -13.922 1.798   1.00 0.50 ? 20 DC  B "C5'"  1 
ATOM   607 C "C4'"  . DC  B 1 10 ? 6.526   -14.981 1.444   1.00 0.54 ? 20 DC  B "C4'"  1 
ATOM   608 O "O4'"  . DC  B 1 10 ? 5.601   -14.480 0.469   1.00 0.53 ? 20 DC  B "O4'"  1 
ATOM   609 C "C3'"  . DC  B 1 10 ? 7.067   -16.334 0.909   1.00 0.59 ? 20 DC  B "C3'"  1 
ATOM   610 O "O3'"  . DC  B 1 10 ? 6.349   -17.397 1.554   1.00 0.75 ? 20 DC  B "O3'"  1 
ATOM   611 C "C2'"  . DC  B 1 10 ? 6.626   -16.277 -0.562  1.00 0.60 ? 20 DC  B "C2'"  1 
ATOM   612 C "C1'"  . DC  B 1 10 ? 5.284   -15.539 -0.441  1.00 0.61 ? 20 DC  B "C1'"  1 
ATOM   613 N N1     . DC  B 1 10 ? 4.655   -14.931 -1.640  1.00 0.60 ? 20 DC  B N1     1 
ATOM   614 C C2     . DC  B 1 10 ? 3.291   -15.149 -1.800  1.00 0.83 ? 20 DC  B C2     1 
ATOM   615 O O2     . DC  B 1 10 ? 2.642   -15.854 -1.029  1.00 1.04 ? 20 DC  B O2     1 
ATOM   616 N N3     . DC  B 1 10 ? 2.666   -14.563 -2.837  1.00 0.85 ? 20 DC  B N3     1 
ATOM   617 C C4     . DC  B 1 10 ? 3.292   -13.792 -3.719  1.00 0.64 ? 20 DC  B C4     1 
ATOM   618 N N4     . DC  B 1 10 ? 2.525   -13.319 -4.704  1.00 0.68 ? 20 DC  B N4     1 
ATOM   619 C C5     . DC  B 1 10 ? 4.700   -13.533 -3.592  1.00 0.50 ? 20 DC  B C5     1 
ATOM   620 C C6     . DC  B 1 10 ? 5.353   -14.162 -2.541  1.00 0.50 ? 20 DC  B C6     1 
ATOM   621 H "H5'"  . DC  B 1 10 ? 7.030   -13.049 2.171   1.00 0.55 ? 20 DC  B "H5'"  1 
ATOM   622 H "H5''" . DC  B 1 10 ? 8.208   -14.278 2.600   1.00 0.58 ? 20 DC  B "H5''" 1 
ATOM   623 H "H4'"  . DC  B 1 10 ? 5.931   -15.145 2.337   1.00 0.64 ? 20 DC  B "H4'"  1 
ATOM   624 H "H3'"  . DC  B 1 10 ? 8.145   -16.432 1.108   1.00 0.59 ? 20 DC  B "H3'"  1 
ATOM   625 H "HO3'" . DC  B 1 10 ? 5.419   -17.314 1.321   1.00 1.30 ? 20 DC  B "HO3'" 1 
ATOM   626 H "H2'"  . DC  B 1 10 ? 7.377   -15.737 -1.147  1.00 0.55 ? 20 DC  B "H2'"  1 
ATOM   627 H "H2''" . DC  B 1 10 ? 6.482   -17.269 -1.014  1.00 0.73 ? 20 DC  B "H2''" 1 
ATOM   628 H "H1'"  . DC  B 1 10 ? 4.541   -16.203 0.022   1.00 0.72 ? 20 DC  B "H1'"  1 
ATOM   629 H H41    . DC  B 1 10 ? 1.572   -13.110 -4.441  1.00 1.19 ? 20 DC  B H41    1 
ATOM   630 H H42    . DC  B 1 10 ? 2.704   -13.476 -5.685  1.00 0.61 ? 20 DC  B H42    1 
ATOM   631 H H5     . DC  B 1 10 ? 5.230   -12.871 -4.249  1.00 0.51 ? 20 DC  B H5     1 
ATOM   632 H H6     . DC  B 1 10 ? 6.413   -14.038 -2.440  1.00 0.53 ? 20 DC  B H6     1 
HETATM 633 C CA     . AR1 C 2 .  ? 4.534   -3.672  2.921   1.00 0.40 ? 11 AR1 A CA     1 
HETATM 634 O OA     . AR1 C 2 .  ? 5.741   -3.849  3.066   1.00 0.44 ? 11 AR1 A OA     1 
HETATM 635 N N1     . AR1 C 2 .  ? 3.973   -2.605  2.361   1.00 0.38 ? 11 AR1 A N1     1 
HETATM 636 C C11    . AR1 C 2 .  ? 4.673   -1.504  1.808   1.00 0.41 ? 11 AR1 A C11    1 
HETATM 637 N N21    . AR1 C 2 .  ? 4.062   -0.502  1.169   1.00 0.43 ? 11 AR1 A N21    1 
HETATM 638 C C31    . AR1 C 2 .  ? 5.008   0.320   0.699   1.00 0.48 ? 11 AR1 A C31    1 
HETATM 639 N N41    . AR1 C 2 .  ? 6.236   -0.175  1.058   1.00 0.50 ? 11 AR1 A N41    1 
HETATM 640 C CN1    . AR1 C 2 .  ? 7.556   0.408   0.742   1.00 0.58 ? 11 AR1 A CN1    1 
HETATM 641 C C51    . AR1 C 2 .  ? 6.004   -1.316  1.756   1.00 0.46 ? 11 AR1 A C51    1 
HETATM 642 C C1     . AR1 C 2 .  ? 4.755   1.499   -0.114  1.00 0.51 ? 11 AR1 A C1     1 
HETATM 643 O O1     . AR1 C 2 .  ? 5.720   2.118   -0.548  1.00 0.55 ? 11 AR1 A O1     1 
HETATM 644 N N2     . AR1 C 2 .  ? 3.469   1.869   -0.283  1.00 0.48 ? 11 AR1 A N2     1 
HETATM 645 C C12    . AR1 C 2 .  ? 3.080   3.029   -1.028  1.00 0.48 ? 11 AR1 A C12    1 
HETATM 646 N N22    . AR1 C 2 .  ? 1.821   3.495   -1.168  1.00 0.46 ? 11 AR1 A N22    1 
HETATM 647 C C32    . AR1 C 2 .  ? 1.857   4.579   -1.975  1.00 0.47 ? 11 AR1 A C32    1 
HETATM 648 N N42    . AR1 C 2 .  ? 3.157   4.791   -2.337  1.00 0.50 ? 11 AR1 A N42    1 
HETATM 649 C CN2    . AR1 C 2 .  ? 3.690   5.875   -3.183  1.00 0.56 ? 11 AR1 A CN2    1 
HETATM 650 C C52    . AR1 C 2 .  ? 3.894   3.826   -1.746  1.00 0.50 ? 11 AR1 A C52    1 
HETATM 651 C C2     . AR1 C 2 .  ? 0.706   5.310   -2.500  1.00 0.47 ? 11 AR1 A C2     1 
HETATM 652 O O2     . AR1 C 2 .  ? 0.884   6.127   -3.399  1.00 0.51 ? 11 AR1 A O2     1 
HETATM 653 N N3     . AR1 C 2 .  ? -0.466  5.146   -1.880  1.00 0.44 ? 11 AR1 A N3     1 
HETATM 654 C C13    . AR1 C 2 .  ? -1.637  5.873   -2.233  1.00 0.46 ? 11 AR1 A C13    1 
HETATM 655 N N23    . AR1 C 2 .  ? -2.761  5.798   -1.532  1.00 0.43 ? 11 AR1 A N23    1 
HETATM 656 C C33    . AR1 C 2 .  ? -3.685  6.542   -2.144  1.00 0.47 ? 11 AR1 A C33    1 
HETATM 657 N N43    . AR1 C 2 .  ? -3.133  7.095   -3.274  1.00 0.52 ? 11 AR1 A N43    1 
HETATM 658 C CN3    . AR1 C 2 .  ? -3.792  7.910   -4.316  1.00 0.59 ? 11 AR1 A CN3    1 
HETATM 659 C C53    . AR1 C 2 .  ? -1.843  6.674   -3.301  1.00 0.51 ? 11 AR1 A C53    1 
HETATM 660 C C3     . AR1 C 2 .  ? -5.020  6.736   -1.608  1.00 0.49 ? 11 AR1 A C3     1 
HETATM 661 O O3     . AR1 C 2 .  ? -5.793  7.492   -2.183  1.00 0.58 ? 11 AR1 A O3     1 
HETATM 662 N NT     . AR1 C 2 .  ? -5.312  6.064   -0.479  1.00 0.44 ? 11 AR1 A NT     1 
HETATM 663 C C1T    . AR1 C 2 .  ? -6.589  6.141   0.215   1.00 0.50 ? 11 AR1 A C1T    1 
HETATM 664 C C2T    . AR1 C 2 .  ? -7.823  6.223   -0.705  1.00 0.70 ? 11 AR1 A C2T    1 
HETATM 665 N N3T    . AR1 C 2 .  ? -8.641  7.426   -0.416  1.00 0.57 ? 11 AR1 A N3T    1 
HETATM 666 C CNT    . AR1 C 2 .  ? -9.341  7.924   -1.603  1.00 0.70 ? 11 AR1 A CNT    1 
HETATM 667 C CMT    . AR1 C 2 .  ? -9.618  7.223   0.664   1.00 0.64 ? 11 AR1 A CMT    1 
HETATM 668 H HA     . AR1 C 2 .  ? 3.837   -4.433  3.220   1.00 0.42 ? 11 AR1 A HA     1 
HETATM 669 H HN1    . AR1 C 2 .  ? 2.982   -2.592  2.279   1.00 0.37 ? 11 AR1 A HN1    1 
HETATM 670 H HN11   . AR1 C 2 .  ? 7.662   0.512   -0.339  1.00 1.08 ? 11 AR1 A HN11   1 
HETATM 671 H HN12   . AR1 C 2 .  ? 8.350   -0.237  1.118   1.00 1.20 ? 11 AR1 A HN12   1 
HETATM 672 H HN13   . AR1 C 2 .  ? 7.640   1.392   1.205   1.00 1.17 ? 11 AR1 A HN13   1 
HETATM 673 H H51    . AR1 C 2 .  ? 6.750   -1.958  2.195   1.00 0.49 ? 11 AR1 A H51    1 
HETATM 674 H HN2    . AR1 C 2 .  ? 2.729   1.351   0.167   1.00 0.46 ? 11 AR1 A HN2    1 
HETATM 675 H HN21   . AR1 C 2 .  ? 3.439   5.685   -4.227  1.00 1.22 ? 11 AR1 A HN21   1 
HETATM 676 H HN22   . AR1 C 2 .  ? 4.777   5.925   -3.079  1.00 1.11 ? 11 AR1 A HN22   1 
HETATM 677 H HN23   . AR1 C 2 .  ? 3.261   6.829   -2.875  1.00 1.18 ? 11 AR1 A HN23   1 
HETATM 678 H H52    . AR1 C 2 .  ? 4.961   3.721   -1.841  1.00 0.53 ? 11 AR1 A H52    1 
HETATM 679 H HN3    . AR1 C 2 .  ? -0.529  4.551   -1.071  1.00 0.42 ? 11 AR1 A HN3    1 
HETATM 680 H HN31   . AR1 C 2 .  ? -3.689  8.969   -4.087  1.00 1.22 ? 11 AR1 A HN31   1 
HETATM 681 H HN32   . AR1 C 2 .  ? -4.849  7.651   -4.388  1.00 1.13 ? 11 AR1 A HN32   1 
HETATM 682 H HN33   . AR1 C 2 .  ? -3.322  7.709   -5.283  1.00 1.21 ? 11 AR1 A HN33   1 
HETATM 683 H H53    . AR1 C 2 .  ? -1.108  6.966   -4.033  1.00 0.54 ? 11 AR1 A H53    1 
HETATM 684 H HT     . AR1 C 2 .  ? -4.614  5.466   -0.059  1.00 0.42 ? 11 AR1 A HT     1 
HETATM 685 H H1T1   . AR1 C 2 .  ? -6.552  6.995   0.872   1.00 0.95 ? 11 AR1 A H1T1   1 
HETATM 686 H H1T2   . AR1 C 2 .  ? -6.676  5.245   0.820   1.00 0.92 ? 11 AR1 A H1T2   1 
HETATM 687 H H2T1   . AR1 C 2 .  ? -8.366  5.290   -0.594  1.00 1.20 ? 11 AR1 A H2T1   1 
HETATM 688 H H2T2   . AR1 C 2 .  ? -7.473  6.232   -1.731  1.00 1.30 ? 11 AR1 A H2T2   1 
HETATM 689 H HNT    . AR1 C 2 .  ? -8.003  8.159   -0.145  1.00 0.63 ? 11 AR1 A HNT    1 
HETATM 690 H HNT1   . AR1 C 2 .  ? -8.617  8.313   -2.318  1.00 1.17 ? 11 AR1 A HNT1   1 
HETATM 691 H HNT2   . AR1 C 2 .  ? -10.021 8.736   -1.327  1.00 1.33 ? 11 AR1 A HNT2   1 
HETATM 692 H HNT3   . AR1 C 2 .  ? -9.922  7.127   -2.070  1.00 1.31 ? 11 AR1 A HNT3   1 
HETATM 693 H HMT1   . AR1 C 2 .  ? -10.115 8.173   0.897   1.00 1.19 ? 11 AR1 A HMT1   1 
HETATM 694 H HMT2   . AR1 C 2 .  ? -9.130  6.860   1.570   1.00 1.17 ? 11 AR1 A HMT2   1 
HETATM 695 H HMT3   . AR1 C 2 .  ? -10.384 6.504   0.360   1.00 1.24 ? 11 AR1 A HMT3   1 
HETATM 696 C CA     . AR1 D 2 .  ? -4.534  3.672   -2.921  1.00 0.41 ? 2  AR1 B CA     1 
HETATM 697 O OA     . AR1 D 2 .  ? -4.739  4.500   -3.804  1.00 0.45 ? 2  AR1 B OA     1 
HETATM 698 N N1     . AR1 D 2 .  ? -3.419  2.965   -2.768  1.00 0.38 ? 2  AR1 B N1     1 
HETATM 699 C C11    . AR1 D 2 .  ? -2.264  3.068   -3.583  1.00 0.41 ? 2  AR1 B C11    1 
HETATM 700 N N21    . AR1 D 2 .  ? -1.133  2.403   -3.327  1.00 0.43 ? 2  AR1 B N21    1 
HETATM 701 C C31    . AR1 D 2 .  ? -0.220  2.787   -4.227  1.00 0.49 ? 2  AR1 B C31    1 
HETATM 702 N N41    . AR1 D 2 .  ? -0.794  3.708   -5.068  1.00 0.51 ? 2  AR1 B N41    1 
HETATM 703 C CN1    . AR1 D 2 .  ? -0.148  4.401   -6.201  1.00 0.58 ? 2  AR1 B CN1    1 
HETATM 704 C C51    . AR1 D 2 .  ? -2.077  3.866   -4.650  1.00 0.47 ? 2  AR1 B C51    1 
HETATM 705 C C1     . AR1 D 2 .  ? 1.164   2.344   -4.247  1.00 0.52 ? 2  AR1 B C1     1 
HETATM 706 O O1     . AR1 D 2 .  ? 1.916   2.840   -5.078  1.00 0.56 ? 2  AR1 B O1     1 
HETATM 707 N N2     . AR1 D 2 .  ? 1.513   1.364   -3.387  1.00 0.49 ? 2  AR1 B N2     1 
HETATM 708 C C12    . AR1 D 2 .  ? 2.832   0.808   -3.327  1.00 0.48 ? 2  AR1 B C12    1 
HETATM 709 N N22    . AR1 D 2 .  ? 3.222   -0.223  -2.548  1.00 0.47 ? 2  AR1 B N22    1 
HETATM 710 C C32    . AR1 D 2 .  ? 4.544   -0.425  -2.742  1.00 0.47 ? 2  AR1 B C32    1 
HETATM 711 N N42    . AR1 D 2 .  ? 4.980   0.490   -3.658  1.00 0.51 ? 2  AR1 B N42    1 
HETATM 712 C CN2    . AR1 D 2 .  ? 6.340   0.636   -4.208  1.00 0.56 ? 2  AR1 B CN2    1 
HETATM 713 C C52    . AR1 D 2 .  ? 3.911   1.242   -4.006  1.00 0.51 ? 2  AR1 B C52    1 
HETATM 714 C C2     . AR1 D 2 .  ? 5.399   -1.346  -2.000  1.00 0.48 ? 2  AR1 B C2     1 
HETATM 715 O O2     . AR1 D 2 .  ? 6.618   -1.259  -2.128  1.00 0.52 ? 2  AR1 B O2     1 
HETATM 716 N N3     . AR1 D 2 .  ? 4.805   -2.331  -1.319  1.00 0.45 ? 2  AR1 B N3     1 
HETATM 717 C C13    . AR1 D 2 .  ? 5.529   -3.348  -0.636  1.00 0.46 ? 2  AR1 B C13    1 
HETATM 718 N N23    . AR1 D 2 .  ? 4.933   -4.389  -0.069  1.00 0.43 ? 2  AR1 B N23    1 
HETATM 719 C C33    . AR1 D 2 .  ? 5.867   -5.126  0.534   1.00 0.47 ? 2  AR1 B C33    1 
HETATM 720 N N43    . AR1 D 2 .  ? 7.091   -4.527  0.357   1.00 0.52 ? 2  AR1 B N43    1 
HETATM 721 C CN3    . AR1 D 2 .  ? 8.400   -4.920  0.919   1.00 0.60 ? 2  AR1 B CN3    1 
HETATM 722 C C53    . AR1 D 2 .  ? 6.856   -3.421  -0.395  1.00 0.51 ? 2  AR1 B C53    1 
HETATM 723 C C3     . AR1 D 2 .  ? 5.569   -6.381  1.201   1.00 0.49 ? 2  AR1 B C3     1 
HETATM 724 O O3     . AR1 D 2 .  ? 6.486   -7.043  1.671   1.00 0.58 ? 2  AR1 B O3     1 
HETATM 725 N NT     . AR1 D 2 .  ? 4.273   -6.740  1.243   1.00 0.45 ? 2  AR1 B NT     1 
HETATM 726 C C1T    . AR1 D 2 .  ? 3.780   -7.966  1.854   1.00 0.50 ? 2  AR1 B C1T    1 
HETATM 727 C C2T    . AR1 D 2 .  ? 4.501   -8.381  3.150   1.00 0.70 ? 2  AR1 B C2T    1 
HETATM 728 N N3T    . AR1 D 2 .  ? 5.065   -9.748  3.049   1.00 0.57 ? 2  AR1 B N3T    1 
HETATM 729 C CNT    . AR1 D 2 .  ? 6.272   -9.918  3.862   1.00 0.69 ? 2  AR1 B CNT    1 
HETATM 730 C CMT    . AR1 D 2 .  ? 4.103   -10.806 3.397   1.00 0.64 ? 2  AR1 B CMT    1 
HETATM 731 H HA     . AR1 D 2 .  ? -5.274  3.500   -2.161  1.00 0.42 ? 2  AR1 B HA     1 
HETATM 732 H HN1    . AR1 D 2 .  ? -3.366  2.341   -1.995  1.00 0.37 ? 2  AR1 B HN1    1 
HETATM 733 H HN11   . AR1 D 2 .  ? 0.734   4.938   -5.847  1.00 1.08 ? 2  AR1 B HN11   1 
HETATM 734 H HN12   . AR1 D 2 .  ? -0.841  5.110   -6.649  1.00 1.21 ? 2  AR1 B HN12   1 
HETATM 735 H HN13   . AR1 D 2 .  ? 0.157   3.670   -6.950  1.00 1.17 ? 2  AR1 B HN13   1 
HETATM 736 H H51    . AR1 D 2 .  ? -2.816  4.511   -5.094  1.00 0.50 ? 2  AR1 B H51    1 
HETATM 737 H HN2    . AR1 D 2 .  ? 0.819   0.952   -2.782  1.00 0.47 ? 2  AR1 B HN2    1 
HETATM 738 H HN21   . AR1 D 2 .  ? 6.993   1.086   -3.460  1.00 1.23 ? 2  AR1 B HN21   1 
HETATM 739 H HN22   . AR1 D 2 .  ? 6.315   1.274   -5.094  1.00 1.12 ? 2  AR1 B HN22   1 
HETATM 740 H HN23   . AR1 D 2 .  ? 6.732   -0.343  -4.489  1.00 1.18 ? 2  AR1 B HN23   1 
HETATM 741 H H52    . AR1 D 2 .  ? 3.932   2.052   -4.712  1.00 0.54 ? 2  AR1 B H52    1 
HETATM 742 H HN3    . AR1 D 2 .  ? 3.804   -2.426  -1.343  1.00 0.42 ? 2  AR1 B HN3    1 
HETATM 743 H HN31   . AR1 D 2 .  ? 8.929   -5.568  0.224   1.00 1.22 ? 2  AR1 B HN31   1 
HETATM 744 H HN32   . AR1 D 2 .  ? 8.263   -5.436  1.871   1.00 1.14 ? 2  AR1 B HN32   1 
HETATM 745 H HN33   . AR1 D 2 .  ? 9.001   -4.025  1.098   1.00 1.22 ? 2  AR1 B HN33   1 
HETATM 746 H H53    . AR1 D 2 .  ? 7.612   -2.744  -0.760  1.00 0.55 ? 2  AR1 B H53    1 
HETATM 747 H HT     . AR1 D 2 .  ? 3.576   -6.141  0.823   1.00 0.42 ? 2  AR1 B HT     1 
HETATM 748 H H1T1   . AR1 D 2 .  ? 3.853   -8.749  1.116   1.00 0.95 ? 2  AR1 B H1T1   1 
HETATM 749 H H1T2   . AR1 D 2 .  ? 2.732   -7.806  2.085   1.00 0.93 ? 2  AR1 B H1T2   1 
HETATM 750 H H2T1   . AR1 D 2 .  ? 3.792   -8.261  3.961   1.00 1.21 ? 2  AR1 B H2T1   1 
HETATM 751 H H2T2   . AR1 D 2 .  ? 5.283   -7.655  3.341   1.00 1.30 ? 2  AR1 B H2T2   1 
HETATM 752 H HNT    . AR1 D 2 .  ? 5.357   -9.877  2.091   1.00 0.63 ? 2  AR1 B HNT    1 
HETATM 753 H HNT1   . AR1 D 2 .  ? 7.080   -9.314  3.451   1.00 1.16 ? 2  AR1 B HNT1   1 
HETATM 754 H HNT2   . AR1 D 2 .  ? 6.590   -10.966 3.853   1.00 1.33 ? 2  AR1 B HNT2   1 
HETATM 755 H HNT3   . AR1 D 2 .  ? 6.086   -9.620  4.895   1.00 1.31 ? 2  AR1 B HNT3   1 
HETATM 756 H HMT1   . AR1 D 2 .  ? 4.547   -11.790 3.203   1.00 1.18 ? 2  AR1 B HMT1   1 
HETATM 757 H HMT2   . AR1 D 2 .  ? 3.192   -10.718 2.803   1.00 1.17 ? 2  AR1 B HMT2   1 
HETATM 758 H HMT3   . AR1 D 2 .  ? 3.842   -10.753 4.457   1.00 1.24 ? 2  AR1 B HMT3   1 
# 
